data_5LL9
#
_entry.id   5LL9
#
_cell.length_a   77.298
_cell.length_b   73.887
_cell.length_c   91.285
_cell.angle_alpha   90.000
_cell.angle_beta   108.760
_cell.angle_gamma   90.000
#
_symmetry.space_group_name_H-M   'P 1 21 1'
#
loop_
_entity.id
_entity.type
_entity.pdbx_description
1 polymer 'Carbonic anhydrase 12'
2 non-polymer 'ZINC ION'
3 non-polymer 4-[2-(benzimidazol-1-yl)ethanoyl]-2-chloranyl-benzenesulfonamide
4 non-polymer 1,2-ETHANEDIOL
5 non-polymer 'SULFATE ION'
6 water water
#
_entity_poly.entity_id   1
_entity_poly.type   'polypeptide(L)'
_entity_poly.pdbx_seq_one_letter_code
;MSKWTYFGPDGENSWSKKYPSCGGLLQSPIDLHSDILQYDASLTPLEFQGYNLSANKQFLLTNNGHSVKLNLPSDMHIQG
LQSRYSATQLHLHWGNPNDPHGSEHTVSGQHFAAELHIVHYNSDLYPDASTASNKSEGLAVLAVLIEMGSFNPSYDKIFS
HLQHVKYKGQEAFVPGFNIEELLPERTAEYYRYRGSLTTPPCNPTVLWTVFRNPVQISQEQLLALETALYCTHMDDPSPR
EMINNFRQVQKFDERLVYTSFSQ
;
_entity_poly.pdbx_strand_id   A,B,C,D
#
loop_
_chem_comp.id
_chem_comp.type
_chem_comp.name
_chem_comp.formula
6YQ non-polymer 4-[2-(benzimidazol-1-yl)ethanoyl]-2-chloranyl-benzenesulfonamide 'C15 H12 Cl N3 O3 S'
EDO non-polymer 1,2-ETHANEDIOL 'C2 H6 O2'
SO4 non-polymer 'SULFATE ION' 'O4 S -2'
ZN non-polymer 'ZINC ION' 'Zn 2'
#
# COMPACT_ATOMS: atom_id res chain seq x y z
N LYS A 3 29.95 -14.41 12.94
CA LYS A 3 29.51 -14.28 11.51
C LYS A 3 28.32 -15.21 11.21
N TRP A 4 27.52 -14.77 10.26
CA TRP A 4 26.20 -15.31 10.07
C TRP A 4 26.24 -16.63 9.40
N THR A 5 25.24 -17.43 9.71
CA THR A 5 25.09 -18.80 9.16
C THR A 5 23.62 -19.13 8.87
N TYR A 6 23.32 -20.35 8.41
CA TYR A 6 21.93 -20.80 8.23
C TYR A 6 21.51 -21.83 9.29
N PHE A 7 22.31 -21.94 10.38
CA PHE A 7 22.05 -22.97 11.40
C PHE A 7 22.83 -22.67 12.65
N GLY A 8 22.15 -22.81 13.79
CA GLY A 8 22.79 -22.75 15.14
C GLY A 8 22.43 -21.35 15.61
N PRO A 9 23.17 -20.81 16.57
CA PRO A 9 22.66 -19.54 17.08
C PRO A 9 22.93 -18.34 16.22
N ASP A 10 23.68 -18.49 15.12
CA ASP A 10 23.97 -17.35 14.24
C ASP A 10 23.13 -17.40 12.96
N GLY A 11 22.09 -18.23 13.02
CA GLY A 11 21.20 -18.50 11.92
C GLY A 11 20.18 -17.41 11.68
N GLU A 12 19.29 -17.63 10.67
CA GLU A 12 18.54 -16.53 10.14
C GLU A 12 17.63 -15.72 11.13
N ASN A 13 17.17 -16.38 12.18
CA ASN A 13 16.31 -15.67 13.12
C ASN A 13 17.13 -14.64 13.91
N SER A 14 18.48 -14.80 13.92
CA SER A 14 19.35 -13.87 14.67
C SER A 14 20.06 -12.89 13.75
N TRP A 15 19.85 -12.97 12.40
CA TRP A 15 20.54 -11.98 11.54
C TRP A 15 20.21 -10.56 11.85
N SER A 16 19.02 -10.28 12.32
CA SER A 16 18.64 -8.91 12.52
C SER A 16 19.37 -8.27 13.72
N LYS A 17 20.04 -9.09 14.51
CA LYS A 17 20.81 -8.42 15.65
C LYS A 17 21.96 -7.57 15.07
N LYS A 18 22.73 -8.16 14.15
CA LYS A 18 23.85 -7.44 13.55
C LYS A 18 23.48 -6.75 12.24
N TYR A 19 22.39 -7.15 11.59
CA TYR A 19 22.02 -6.58 10.30
C TYR A 19 20.55 -6.16 10.38
N PRO A 20 20.26 -4.94 10.78
CA PRO A 20 18.94 -4.63 11.24
C PRO A 20 17.98 -4.72 10.05
N SER A 21 18.39 -4.54 8.81
CA SER A 21 17.44 -4.62 7.71
C SER A 21 16.88 -6.04 7.58
N CYS A 22 17.53 -7.05 8.17
CA CYS A 22 16.95 -8.42 8.10
C CYS A 22 15.63 -8.52 8.86
N GLY A 23 15.35 -7.54 9.73
CA GLY A 23 14.05 -7.43 10.41
C GLY A 23 13.19 -6.34 9.93
N GLY A 24 13.52 -5.73 8.83
CA GLY A 24 12.78 -4.63 8.22
C GLY A 24 11.80 -4.98 7.18
N LEU A 25 11.44 -4.02 6.37
CA LEU A 25 10.46 -4.16 5.32
C LEU A 25 11.06 -4.83 4.07
N LEU A 26 10.12 -5.30 3.23
CA LEU A 26 10.37 -5.73 1.83
C LEU A 26 11.30 -6.94 1.83
N GLN A 27 11.26 -7.82 2.82
CA GLN A 27 12.20 -8.96 2.81
C GLN A 27 11.83 -10.08 1.84
N SER A 28 12.88 -10.66 1.30
CA SER A 28 12.79 -11.82 0.36
C SER A 28 13.51 -13.00 1.00
N PRO A 29 13.26 -14.24 0.60
CA PRO A 29 12.39 -14.62 -0.48
C PRO A 29 10.93 -14.75 -0.04
N ILE A 30 10.05 -15.05 -0.98
CA ILE A 30 8.61 -15.10 -0.72
C ILE A 30 8.03 -16.28 -1.51
N ASP A 31 6.84 -16.69 -1.11
CA ASP A 31 6.09 -17.65 -1.85
C ASP A 31 5.30 -16.96 -2.95
N LEU A 32 5.50 -17.47 -4.13
CA LEU A 32 4.82 -16.99 -5.33
C LEU A 32 3.54 -17.82 -5.59
N HIS A 33 2.39 -17.28 -5.24
CA HIS A 33 1.13 -18.08 -5.36
C HIS A 33 0.08 -17.28 -5.98
N SER A 34 -0.94 -17.97 -6.48
CA SER A 34 -1.82 -17.41 -7.50
C SER A 34 -2.58 -16.21 -7.03
N ASP A 35 -2.94 -16.19 -5.73
CA ASP A 35 -3.79 -15.15 -5.13
C ASP A 35 -3.15 -13.78 -5.21
N ILE A 36 -1.81 -13.79 -5.28
CA ILE A 36 -1.05 -12.55 -5.25
C ILE A 36 -0.41 -12.22 -6.59
N LEU A 37 -0.65 -12.99 -7.60
CA LEU A 37 -0.06 -12.68 -8.95
C LEU A 37 -0.98 -11.75 -9.76
N GLN A 38 -0.37 -10.83 -10.50
CA GLN A 38 -1.16 -9.94 -11.42
C GLN A 38 -0.34 -9.72 -12.68
N TYR A 39 -0.96 -10.00 -13.83
CA TYR A 39 -0.40 -9.78 -15.13
C TYR A 39 -0.16 -8.29 -15.26
N ASP A 40 1.01 -7.93 -15.69
CA ASP A 40 1.32 -6.57 -16.02
C ASP A 40 1.91 -6.58 -17.41
N ALA A 41 1.17 -6.05 -18.41
CA ALA A 41 1.71 -5.86 -19.80
C ALA A 41 2.96 -4.99 -19.90
N SER A 42 3.26 -4.22 -18.87
CA SER A 42 4.49 -3.40 -18.87
C SER A 42 5.77 -4.26 -18.79
N LEU A 43 5.57 -5.53 -18.48
CA LEU A 43 6.73 -6.42 -18.26
C LEU A 43 7.23 -7.07 -19.53
N THR A 44 7.98 -6.31 -20.30
CA THR A 44 8.56 -6.73 -21.56
C THR A 44 9.82 -7.63 -21.37
N PRO A 45 10.27 -8.36 -22.39
CA PRO A 45 11.46 -9.22 -22.24
C PRO A 45 12.76 -8.52 -21.94
N LEU A 46 13.56 -9.05 -21.05
CA LEU A 46 14.89 -8.45 -20.76
C LEU A 46 15.81 -8.93 -21.87
N GLU A 47 16.87 -8.16 -22.11
CA GLU A 47 17.92 -8.61 -22.99
C GLU A 47 19.21 -8.79 -22.17
N PHE A 48 19.91 -9.88 -22.43
CA PHE A 48 21.10 -10.25 -21.72
C PHE A 48 22.33 -9.97 -22.52
N GLN A 49 23.02 -8.91 -22.16
CA GLN A 49 24.07 -8.36 -23.07
C GLN A 49 25.42 -8.59 -22.48
N GLY A 50 26.37 -9.07 -23.30
CA GLY A 50 27.63 -9.41 -22.77
C GLY A 50 27.73 -10.66 -21.84
N TYR A 51 26.68 -11.49 -21.94
CA TYR A 51 26.66 -12.80 -21.19
C TYR A 51 27.56 -13.85 -21.85
N ASN A 52 27.91 -13.66 -23.13
CA ASN A 52 28.80 -14.66 -23.76
C ASN A 52 30.25 -14.41 -23.42
N LEU A 53 30.67 -14.84 -22.27
CA LEU A 53 31.99 -14.49 -21.74
C LEU A 53 33.09 -15.10 -22.57
N SER A 54 34.04 -14.23 -22.88
CA SER A 54 35.22 -14.63 -23.62
C SER A 54 35.76 -15.94 -23.10
N ALA A 55 35.83 -16.98 -23.92
CA ALA A 55 36.56 -18.16 -23.44
C ALA A 55 38.07 -17.92 -23.27
N ASN A 56 38.57 -16.74 -23.65
CA ASN A 56 39.99 -16.38 -23.36
C ASN A 56 40.18 -15.58 -22.09
N LYS A 57 39.08 -15.30 -21.36
CA LYS A 57 39.17 -14.69 -20.03
C LYS A 57 38.87 -15.77 -18.98
N GLN A 58 39.40 -15.57 -17.79
CA GLN A 58 39.02 -16.44 -16.63
C GLN A 58 38.31 -15.72 -15.55
N PHE A 59 37.37 -16.43 -14.90
CA PHE A 59 36.51 -15.80 -13.85
C PHE A 59 36.66 -16.50 -12.52
N LEU A 60 36.85 -15.73 -11.46
CA LEU A 60 37.16 -16.28 -10.14
C LEU A 60 35.91 -16.96 -9.49
N LEU A 61 36.02 -18.24 -9.21
CA LEU A 61 35.06 -19.01 -8.41
C LEU A 61 35.56 -19.06 -6.99
N THR A 62 34.72 -18.73 -6.01
N THR A 62 34.71 -18.74 -5.99
CA THR A 62 35.13 -18.75 -4.61
CA THR A 62 35.14 -18.69 -4.60
C THR A 62 34.13 -19.55 -3.78
C THR A 62 34.14 -19.29 -3.63
N ASN A 63 34.62 -20.04 -2.65
CA ASN A 63 33.73 -20.53 -1.60
C ASN A 63 33.90 -19.50 -0.51
N ASN A 64 32.85 -18.71 -0.26
CA ASN A 64 32.92 -17.66 0.77
C ASN A 64 32.33 -18.04 2.14
N GLY A 65 32.14 -19.31 2.34
CA GLY A 65 31.58 -19.88 3.55
C GLY A 65 30.05 -19.83 3.60
N HIS A 66 29.38 -19.21 2.63
CA HIS A 66 27.92 -19.12 2.55
C HIS A 66 27.37 -19.72 1.29
N SER A 67 28.10 -19.67 0.17
CA SER A 67 27.65 -20.22 -1.09
C SER A 67 28.94 -20.39 -1.91
N VAL A 68 28.73 -20.83 -3.15
CA VAL A 68 29.81 -20.82 -4.13
C VAL A 68 29.45 -19.66 -5.07
N LYS A 69 30.42 -18.81 -5.30
CA LYS A 69 30.22 -17.57 -6.06
C LYS A 69 31.15 -17.50 -7.25
N LEU A 70 30.60 -17.11 -8.40
CA LEU A 70 31.44 -16.82 -9.60
C LEU A 70 31.42 -15.36 -9.82
N ASN A 71 32.64 -14.73 -9.91
CA ASN A 71 32.72 -13.30 -10.20
C ASN A 71 32.44 -13.04 -11.64
N LEU A 72 31.69 -11.97 -11.90
CA LEU A 72 31.24 -11.66 -13.25
C LEU A 72 31.78 -10.29 -13.64
N PRO A 73 31.96 -10.04 -14.97
CA PRO A 73 32.47 -8.70 -15.35
C PRO A 73 31.38 -7.68 -15.56
N SER A 74 31.73 -6.42 -15.34
CA SER A 74 30.71 -5.36 -15.36
C SER A 74 30.31 -5.00 -16.80
N ASP A 75 30.97 -5.53 -17.84
CA ASP A 75 30.41 -5.29 -19.19
C ASP A 75 29.22 -6.22 -19.47
N MET A 76 29.01 -7.20 -18.58
CA MET A 76 27.80 -8.05 -18.67
C MET A 76 26.64 -7.30 -18.00
N HIS A 77 25.58 -7.14 -18.75
CA HIS A 77 24.42 -6.36 -18.16
C HIS A 77 23.10 -6.75 -18.65
N ILE A 78 22.07 -6.38 -17.88
CA ILE A 78 20.69 -6.44 -18.36
C ILE A 78 20.27 -5.18 -19.07
N GLN A 79 19.62 -5.34 -20.25
CA GLN A 79 18.96 -4.23 -20.92
C GLN A 79 17.43 -4.43 -20.82
N GLY A 80 16.70 -3.37 -20.65
CA GLY A 80 15.21 -3.49 -20.57
C GLY A 80 14.67 -2.82 -19.33
N LEU A 81 15.49 -2.62 -18.31
CA LEU A 81 15.05 -1.89 -17.11
C LEU A 81 15.32 -0.37 -17.42
N GLN A 82 14.85 0.48 -16.54
CA GLN A 82 15.01 1.91 -16.79
C GLN A 82 16.49 2.31 -16.76
N SER A 83 17.23 1.69 -15.82
CA SER A 83 18.68 1.92 -15.75
C SER A 83 19.35 0.66 -16.23
N ARG A 84 20.65 0.75 -16.60
CA ARG A 84 21.42 -0.45 -16.90
C ARG A 84 21.81 -1.10 -15.60
N TYR A 85 21.68 -2.43 -15.50
CA TYR A 85 22.15 -3.12 -14.28
C TYR A 85 23.23 -4.08 -14.78
N SER A 86 24.42 -3.87 -14.23
CA SER A 86 25.65 -4.60 -14.66
C SER A 86 25.90 -5.78 -13.68
N ALA A 87 26.38 -6.91 -14.24
CA ALA A 87 26.62 -8.07 -13.39
C ALA A 87 27.77 -7.85 -12.46
N THR A 88 27.67 -8.47 -11.30
CA THR A 88 28.78 -8.58 -10.34
C THR A 88 29.13 -10.03 -9.97
N GLN A 89 28.16 -10.92 -9.79
CA GLN A 89 28.48 -12.30 -9.38
C GLN A 89 27.23 -13.16 -9.53
N LEU A 90 27.46 -14.46 -9.62
CA LEU A 90 26.38 -15.45 -9.47
C LEU A 90 26.71 -16.44 -8.42
N HIS A 91 25.64 -17.00 -7.82
CA HIS A 91 25.81 -18.02 -6.78
C HIS A 91 24.52 -18.80 -6.66
N LEU A 92 24.59 -19.84 -5.80
CA LEU A 92 23.47 -20.75 -5.70
C LEU A 92 23.04 -20.97 -4.23
N HIS A 93 21.81 -21.51 -4.11
CA HIS A 93 21.25 -21.94 -2.77
C HIS A 93 20.62 -23.29 -2.98
N TRP A 94 20.82 -24.16 -1.97
CA TRP A 94 20.38 -25.57 -2.10
C TRP A 94 20.09 -26.14 -0.71
N GLY A 95 19.56 -27.35 -0.76
CA GLY A 95 19.14 -28.06 0.48
C GLY A 95 20.18 -29.09 0.91
N ASN A 96 19.74 -30.34 1.00
CA ASN A 96 20.68 -31.47 1.43
C ASN A 96 20.12 -32.76 0.88
N PRO A 97 20.98 -33.80 0.85
CA PRO A 97 20.49 -35.02 0.21
C PRO A 97 19.28 -35.66 0.88
N ASN A 98 19.12 -35.50 2.18
CA ASN A 98 17.87 -36.05 2.79
C ASN A 98 16.63 -35.24 2.57
N ASP A 99 16.78 -34.01 2.08
CA ASP A 99 15.64 -33.10 1.84
C ASP A 99 16.01 -32.11 0.72
N PRO A 100 16.08 -32.63 -0.52
CA PRO A 100 16.73 -31.90 -1.64
C PRO A 100 15.84 -30.85 -2.22
N HIS A 101 15.40 -29.93 -1.38
CA HIS A 101 14.42 -28.89 -1.84
C HIS A 101 14.75 -27.56 -1.23
N GLY A 102 15.85 -27.00 -1.72
CA GLY A 102 16.50 -25.84 -1.11
C GLY A 102 16.44 -24.55 -1.99
N SER A 103 15.47 -24.39 -2.88
CA SER A 103 15.32 -23.04 -3.44
C SER A 103 14.96 -22.05 -2.34
N GLU A 104 15.09 -20.78 -2.68
CA GLU A 104 14.64 -19.70 -1.75
C GLU A 104 13.23 -19.32 -2.04
N HIS A 105 12.93 -18.86 -3.23
CA HIS A 105 11.54 -18.67 -3.61
C HIS A 105 10.82 -20.03 -3.70
N THR A 106 9.55 -19.99 -3.41
CA THR A 106 8.66 -21.14 -3.60
C THR A 106 7.55 -20.75 -4.52
N VAL A 107 6.92 -21.78 -5.14
CA VAL A 107 5.79 -21.53 -6.05
C VAL A 107 4.62 -22.37 -5.52
N SER A 108 3.54 -21.68 -5.20
CA SER A 108 2.34 -22.35 -4.62
C SER A 108 2.75 -23.22 -3.42
N GLY A 109 3.70 -22.73 -2.59
CA GLY A 109 4.13 -23.39 -1.38
C GLY A 109 5.27 -24.38 -1.56
N GLN A 110 5.64 -24.68 -2.82
CA GLN A 110 6.65 -25.67 -3.10
C GLN A 110 8.08 -25.20 -3.39
N HIS A 111 9.05 -25.80 -2.73
CA HIS A 111 10.41 -25.53 -3.02
C HIS A 111 10.85 -26.26 -4.21
N PHE A 112 11.64 -25.61 -5.04
CA PHE A 112 12.44 -26.32 -6.04
C PHE A 112 13.71 -26.89 -5.43
N ALA A 113 14.49 -27.69 -6.18
CA ALA A 113 15.67 -28.35 -5.59
C ALA A 113 16.72 -27.34 -5.18
N ALA A 114 16.91 -26.29 -6.02
CA ALA A 114 17.92 -25.27 -5.75
C ALA A 114 17.54 -24.02 -6.53
N GLU A 115 18.38 -22.99 -6.36
CA GLU A 115 18.07 -21.70 -7.04
C GLU A 115 19.42 -20.99 -7.35
N LEU A 116 19.51 -20.43 -8.58
CA LEU A 116 20.71 -19.67 -9.01
C LEU A 116 20.29 -18.18 -8.99
N HIS A 117 21.19 -17.36 -8.46
CA HIS A 117 21.03 -15.87 -8.51
C HIS A 117 22.12 -15.25 -9.27
N ILE A 118 21.74 -14.44 -10.26
CA ILE A 118 22.75 -13.62 -11.00
C ILE A 118 22.52 -12.19 -10.54
N VAL A 119 23.46 -11.73 -9.75
CA VAL A 119 23.31 -10.42 -9.03
C VAL A 119 23.84 -9.33 -9.99
N HIS A 120 23.09 -8.28 -10.14
CA HIS A 120 23.54 -7.04 -10.91
C HIS A 120 23.33 -5.82 -10.08
N TYR A 121 24.06 -4.74 -10.40
CA TYR A 121 23.86 -3.46 -9.71
C TYR A 121 23.61 -2.31 -10.66
N ASN A 122 23.01 -1.22 -10.16
CA ASN A 122 22.64 -0.10 -11.08
C ASN A 122 23.95 0.69 -11.33
N SER A 123 24.57 0.41 -12.49
CA SER A 123 25.86 0.99 -12.79
C SER A 123 25.63 2.41 -13.41
N ASP A 124 24.42 2.76 -13.78
CA ASP A 124 24.11 4.14 -14.30
C ASP A 124 24.17 5.07 -13.10
N LEU A 125 23.77 4.60 -11.92
CA LEU A 125 23.78 5.41 -10.72
C LEU A 125 24.97 5.22 -9.80
N TYR A 126 25.57 4.02 -9.78
CA TYR A 126 26.56 3.68 -8.73
C TYR A 126 27.79 2.97 -9.30
N PRO A 127 28.97 3.11 -8.63
CA PRO A 127 30.24 2.60 -9.20
C PRO A 127 30.51 1.11 -9.10
N ASP A 128 29.84 0.46 -8.15
CA ASP A 128 30.12 -0.96 -7.90
C ASP A 128 28.98 -1.53 -7.06
N ALA A 129 28.90 -2.85 -6.94
CA ALA A 129 27.78 -3.44 -6.24
C ALA A 129 27.71 -3.15 -4.75
N SER A 130 28.86 -3.09 -4.10
N SER A 130 28.86 -3.10 -4.11
CA SER A 130 28.88 -2.84 -2.67
CA SER A 130 28.82 -2.89 -2.68
C SER A 130 28.29 -1.46 -2.41
C SER A 130 28.30 -1.47 -2.40
N THR A 131 28.65 -0.47 -3.20
CA THR A 131 28.12 0.82 -3.00
C THR A 131 26.58 0.84 -3.28
N ALA A 132 26.16 0.15 -4.34
CA ALA A 132 24.77 0.17 -4.73
C ALA A 132 23.82 -0.56 -3.71
N SER A 133 24.41 -1.45 -2.93
CA SER A 133 23.61 -2.46 -2.22
C SER A 133 22.67 -1.89 -1.17
N ASN A 134 23.01 -0.73 -0.58
CA ASN A 134 22.12 -0.01 0.35
C ASN A 134 21.47 1.25 -0.17
N LYS A 135 21.40 1.34 -1.48
CA LYS A 135 20.79 2.47 -2.13
C LYS A 135 19.61 2.19 -2.95
N SER A 136 18.82 3.23 -3.11
CA SER A 136 17.62 3.19 -3.86
C SER A 136 17.86 2.66 -5.31
N GLU A 137 17.02 1.72 -5.71
CA GLU A 137 17.17 1.12 -7.04
C GLU A 137 18.53 0.45 -7.24
N GLY A 138 19.14 -0.04 -6.17
CA GLY A 138 20.49 -0.40 -6.25
C GLY A 138 20.77 -1.67 -7.01
N LEU A 139 19.97 -2.75 -6.80
CA LEU A 139 20.37 -4.10 -7.26
C LEU A 139 19.22 -4.66 -8.04
N ALA A 140 19.57 -5.60 -8.92
CA ALA A 140 18.59 -6.40 -9.67
C ALA A 140 19.14 -7.81 -9.72
N VAL A 141 18.30 -8.77 -9.35
CA VAL A 141 18.72 -10.20 -9.42
C VAL A 141 17.88 -10.98 -10.35
N LEU A 142 18.52 -11.84 -11.14
CA LEU A 142 17.80 -12.83 -11.94
C LEU A 142 17.88 -14.13 -11.14
N ALA A 143 16.69 -14.73 -10.96
CA ALA A 143 16.64 -16.01 -10.18
C ALA A 143 16.12 -17.14 -11.11
N VAL A 144 16.93 -18.24 -11.09
CA VAL A 144 16.50 -19.40 -11.88
C VAL A 144 16.24 -20.53 -10.88
N LEU A 145 15.03 -21.08 -11.02
CA LEU A 145 14.67 -22.23 -10.21
C LEU A 145 15.22 -23.49 -10.85
N ILE A 146 15.73 -24.41 -10.03
CA ILE A 146 16.39 -25.61 -10.53
C ILE A 146 15.70 -26.89 -10.03
N GLU A 147 15.42 -27.79 -10.93
CA GLU A 147 14.81 -29.09 -10.53
C GLU A 147 15.65 -30.19 -11.07
N MET A 148 15.43 -31.39 -10.57
CA MET A 148 16.23 -32.53 -10.97
C MET A 148 15.61 -33.04 -12.30
N GLY A 149 16.43 -33.44 -13.27
CA GLY A 149 16.01 -34.03 -14.52
C GLY A 149 17.26 -34.46 -15.30
N SER A 150 17.33 -33.92 -16.51
N SER A 150 17.30 -34.07 -16.56
CA SER A 150 18.47 -34.17 -17.37
CA SER A 150 18.42 -34.50 -17.40
C SER A 150 19.81 -33.59 -16.92
C SER A 150 19.67 -33.68 -17.09
N PHE A 151 20.86 -34.31 -17.23
CA PHE A 151 22.18 -33.70 -17.14
C PHE A 151 22.24 -32.34 -17.89
N ASN A 152 22.86 -31.34 -17.28
CA ASN A 152 22.93 -30.04 -17.89
C ASN A 152 24.41 -29.68 -18.09
N PRO A 153 24.87 -29.77 -19.35
CA PRO A 153 26.26 -29.46 -19.58
C PRO A 153 26.65 -28.04 -19.19
N SER A 154 25.70 -27.13 -19.34
CA SER A 154 26.13 -25.72 -19.03
C SER A 154 26.35 -25.51 -17.57
N TYR A 155 25.42 -26.07 -16.76
CA TYR A 155 25.73 -25.99 -15.26
C TYR A 155 27.00 -26.73 -14.85
N ASP A 156 27.36 -27.78 -15.62
CA ASP A 156 28.58 -28.46 -15.32
C ASP A 156 29.81 -27.60 -15.62
N LYS A 157 29.66 -26.53 -16.43
CA LYS A 157 30.80 -25.60 -16.61
C LYS A 157 31.15 -24.94 -15.30
N ILE A 158 30.19 -24.86 -14.37
CA ILE A 158 30.50 -24.40 -13.02
C ILE A 158 30.81 -25.63 -12.12
N PHE A 159 29.89 -26.62 -12.15
CA PHE A 159 29.97 -27.69 -11.13
C PHE A 159 31.26 -28.53 -11.21
N SER A 160 31.86 -28.58 -12.38
CA SER A 160 33.13 -29.33 -12.50
C SER A 160 34.28 -28.74 -11.74
N HIS A 161 34.15 -27.49 -11.27
CA HIS A 161 35.20 -26.87 -10.49
C HIS A 161 34.93 -26.90 -9.02
N LEU A 162 33.79 -27.52 -8.60
CA LEU A 162 33.45 -27.49 -7.16
C LEU A 162 34.50 -28.15 -6.29
N GLN A 163 35.13 -29.25 -6.80
CA GLN A 163 36.07 -29.91 -5.87
C GLN A 163 37.26 -29.01 -5.56
N HIS A 164 37.53 -28.02 -6.43
CA HIS A 164 38.63 -27.06 -6.11
C HIS A 164 38.30 -25.97 -5.14
N VAL A 165 36.99 -25.81 -4.83
CA VAL A 165 36.62 -24.79 -3.89
C VAL A 165 35.86 -25.41 -2.70
N LYS A 166 36.26 -26.61 -2.29
CA LYS A 166 35.64 -27.35 -1.15
C LYS A 166 35.53 -26.56 0.15
N TYR A 167 36.58 -25.78 0.51
CA TYR A 167 36.59 -25.14 1.79
C TYR A 167 36.55 -23.62 1.68
N LYS A 168 36.07 -23.01 2.76
CA LYS A 168 36.00 -21.55 2.80
C LYS A 168 37.35 -20.85 2.46
N GLY A 169 37.33 -19.84 1.61
CA GLY A 169 38.57 -19.12 1.25
C GLY A 169 39.23 -19.70 0.01
N GLN A 170 38.84 -20.92 -0.35
CA GLN A 170 39.39 -21.48 -1.62
C GLN A 170 38.84 -20.87 -2.88
N GLU A 171 39.65 -20.81 -3.95
N GLU A 171 39.65 -20.89 -3.95
CA GLU A 171 39.27 -20.18 -5.21
CA GLU A 171 39.26 -20.37 -5.22
C GLU A 171 39.81 -20.94 -6.42
C GLU A 171 39.66 -21.22 -6.41
N ALA A 172 39.10 -20.86 -7.54
CA ALA A 172 39.36 -21.59 -8.79
C ALA A 172 39.06 -20.61 -9.88
N PHE A 173 39.67 -20.81 -11.03
CA PHE A 173 39.40 -19.98 -12.17
C PHE A 173 38.59 -20.75 -13.17
N VAL A 174 37.52 -20.10 -13.66
CA VAL A 174 36.61 -20.72 -14.60
C VAL A 174 36.69 -20.01 -15.91
N PRO A 175 36.93 -20.75 -17.01
CA PRO A 175 37.04 -20.04 -18.26
C PRO A 175 35.69 -19.51 -18.70
N GLY A 176 35.69 -18.36 -19.37
CA GLY A 176 34.49 -17.78 -19.88
C GLY A 176 33.62 -18.75 -20.65
N PHE A 177 32.31 -18.71 -20.37
CA PHE A 177 31.31 -19.38 -21.18
C PHE A 177 30.04 -18.53 -21.28
N ASN A 178 29.05 -18.92 -22.08
CA ASN A 178 27.84 -18.14 -22.25
C ASN A 178 26.89 -18.37 -21.05
N ILE A 179 26.89 -17.34 -20.20
CA ILE A 179 26.05 -17.42 -18.97
C ILE A 179 24.57 -17.50 -19.34
N GLU A 180 24.14 -17.03 -20.50
CA GLU A 180 22.78 -17.21 -20.86
C GLU A 180 22.36 -18.73 -20.95
N GLU A 181 23.38 -19.59 -21.11
CA GLU A 181 23.05 -21.05 -21.13
C GLU A 181 22.45 -21.53 -19.77
N LEU A 182 22.63 -20.72 -18.72
CA LEU A 182 22.10 -21.11 -17.41
C LEU A 182 20.67 -20.68 -17.22
N LEU A 183 20.13 -19.88 -18.14
CA LEU A 183 18.78 -19.44 -18.05
C LEU A 183 17.82 -20.46 -18.60
N PRO A 184 16.60 -20.48 -18.16
CA PRO A 184 15.59 -21.42 -18.59
C PRO A 184 14.96 -21.04 -19.92
N GLU A 185 14.08 -21.95 -20.36
CA GLU A 185 13.24 -21.64 -21.52
C GLU A 185 12.30 -20.50 -21.30
N ARG A 186 12.03 -19.73 -22.39
CA ARG A 186 11.05 -18.70 -22.37
C ARG A 186 11.33 -17.73 -21.18
N THR A 187 12.51 -17.12 -21.26
CA THR A 187 12.82 -16.04 -20.29
C THR A 187 11.92 -14.83 -20.34
N ALA A 188 11.15 -14.62 -21.42
CA ALA A 188 10.06 -13.59 -21.39
C ALA A 188 8.97 -13.78 -20.32
N GLU A 189 8.90 -15.01 -19.77
CA GLU A 189 7.93 -15.40 -18.75
C GLU A 189 8.60 -15.32 -17.37
N TYR A 190 8.19 -14.33 -16.56
CA TYR A 190 8.80 -14.13 -15.22
C TYR A 190 7.84 -13.49 -14.26
N TYR A 191 8.25 -13.61 -13.00
CA TYR A 191 7.64 -12.95 -11.85
C TYR A 191 8.51 -11.72 -11.51
N ARG A 192 7.94 -10.62 -11.13
CA ARG A 192 8.72 -9.40 -10.79
C ARG A 192 8.15 -8.81 -9.53
N TYR A 193 9.04 -8.47 -8.57
CA TYR A 193 8.58 -7.75 -7.37
C TYR A 193 9.84 -7.01 -6.80
N ARG A 194 9.52 -6.08 -5.92
CA ARG A 194 10.59 -5.37 -5.18
C ARG A 194 10.77 -6.05 -3.90
N GLY A 195 12.02 -6.38 -3.59
CA GLY A 195 12.34 -7.03 -2.31
C GLY A 195 13.70 -6.75 -1.84
N SER A 196 14.35 -7.73 -1.23
CA SER A 196 15.64 -7.49 -0.60
C SER A 196 16.68 -8.53 -0.94
N LEU A 197 17.93 -8.27 -0.51
CA LEU A 197 18.87 -9.39 -0.50
C LEU A 197 18.31 -10.51 0.38
N THR A 198 18.52 -11.76 0.07
CA THR A 198 18.08 -12.85 0.94
C THR A 198 19.12 -13.23 1.99
N THR A 199 20.31 -12.57 1.95
CA THR A 199 21.37 -12.77 2.88
C THR A 199 21.66 -11.41 3.53
N PRO A 200 22.30 -11.50 4.71
CA PRO A 200 22.76 -10.23 5.35
C PRO A 200 23.60 -9.43 4.34
N PRO A 201 23.41 -8.15 4.29
CA PRO A 201 22.68 -7.30 5.29
C PRO A 201 21.18 -7.19 5.00
N CYS A 202 20.64 -7.87 3.97
CA CYS A 202 19.13 -7.95 3.71
C CYS A 202 18.57 -6.61 3.33
N ASN A 203 19.40 -5.75 2.68
CA ASN A 203 18.84 -4.44 2.29
C ASN A 203 17.64 -4.55 1.35
N PRO A 204 16.62 -3.71 1.46
CA PRO A 204 15.39 -3.83 0.65
C PRO A 204 15.59 -3.04 -0.66
N THR A 205 16.60 -3.47 -1.42
CA THR A 205 17.01 -2.62 -2.55
C THR A 205 17.08 -3.47 -3.83
N VAL A 206 16.43 -4.66 -3.83
CA VAL A 206 16.53 -5.57 -5.01
C VAL A 206 15.28 -5.65 -5.80
N LEU A 207 15.39 -5.42 -7.09
CA LEU A 207 14.35 -5.68 -8.06
C LEU A 207 14.54 -7.11 -8.48
N TRP A 208 13.60 -7.95 -8.04
CA TRP A 208 13.63 -9.40 -8.34
C TRP A 208 12.98 -9.73 -9.65
N THR A 209 13.61 -10.60 -10.45
CA THR A 209 13.04 -11.23 -11.64
C THR A 209 13.22 -12.74 -11.40
N VAL A 210 12.10 -13.47 -11.19
CA VAL A 210 12.21 -14.94 -11.01
C VAL A 210 11.58 -15.51 -12.27
N PHE A 211 12.38 -16.28 -13.02
CA PHE A 211 11.82 -16.83 -14.28
C PHE A 211 10.78 -17.86 -13.96
N ARG A 212 9.74 -17.85 -14.78
CA ARG A 212 8.65 -18.81 -14.57
C ARG A 212 9.07 -20.26 -14.63
N ASN A 213 9.92 -20.60 -15.61
CA ASN A 213 10.22 -22.02 -15.91
C ASN A 213 11.52 -22.38 -15.22
N PRO A 214 11.57 -23.60 -14.66
CA PRO A 214 12.79 -24.00 -14.07
C PRO A 214 13.80 -24.57 -15.15
N VAL A 215 15.03 -24.74 -14.76
CA VAL A 215 16.01 -25.58 -15.50
C VAL A 215 16.14 -26.94 -14.80
N GLN A 216 16.76 -27.86 -15.52
CA GLN A 216 17.09 -29.23 -14.98
C GLN A 216 18.50 -29.49 -14.88
N ILE A 217 18.93 -30.12 -13.77
CA ILE A 217 20.25 -30.69 -13.65
C ILE A 217 20.09 -32.15 -13.22
N SER A 218 21.13 -32.99 -13.46
CA SER A 218 20.88 -34.40 -13.12
C SER A 218 20.93 -34.66 -11.61
N GLN A 219 20.41 -35.82 -11.25
CA GLN A 219 20.53 -36.21 -9.80
C GLN A 219 21.97 -36.18 -9.34
N GLU A 220 22.92 -36.57 -10.17
CA GLU A 220 24.27 -36.59 -9.76
C GLU A 220 24.87 -35.16 -9.65
N GLN A 221 24.44 -34.26 -10.56
CA GLN A 221 24.87 -32.85 -10.42
C GLN A 221 24.32 -32.20 -9.10
N LEU A 222 23.05 -32.50 -8.83
CA LEU A 222 22.44 -31.92 -7.65
C LEU A 222 23.15 -32.46 -6.40
N LEU A 223 23.40 -33.81 -6.39
CA LEU A 223 24.15 -34.37 -5.22
C LEU A 223 25.54 -33.76 -5.07
N ALA A 224 26.27 -33.53 -6.18
CA ALA A 224 27.54 -32.91 -6.11
C ALA A 224 27.46 -31.50 -5.49
N LEU A 225 26.51 -30.71 -5.96
CA LEU A 225 26.37 -29.37 -5.36
C LEU A 225 26.08 -29.42 -3.82
N GLU A 226 25.24 -30.41 -3.42
CA GLU A 226 24.90 -30.56 -1.97
C GLU A 226 25.99 -31.09 -1.11
N THR A 227 26.99 -31.78 -1.68
CA THR A 227 27.96 -32.57 -0.91
C THR A 227 29.36 -32.10 -1.15
N ALA A 228 29.62 -31.17 -2.07
CA ALA A 228 31.02 -30.86 -2.42
C ALA A 228 31.62 -29.87 -1.49
N LEU A 229 30.78 -29.07 -0.81
CA LEU A 229 31.32 -27.92 -0.12
C LEU A 229 31.14 -27.89 1.36
N TYR A 230 32.08 -27.27 2.03
CA TYR A 230 32.04 -26.89 3.45
C TYR A 230 32.02 -25.38 3.67
N CYS A 231 31.43 -24.98 4.81
N CYS A 231 31.42 -24.99 4.80
CA CYS A 231 31.30 -23.58 5.22
CA CYS A 231 31.31 -23.61 5.14
C CYS A 231 32.62 -23.13 5.82
C CYS A 231 32.43 -23.18 6.07
N THR A 232 33.34 -24.12 6.32
CA THR A 232 34.48 -23.89 7.19
C THR A 232 35.83 -23.93 6.44
N HIS A 233 36.89 -23.32 7.03
CA HIS A 233 38.22 -23.40 6.40
C HIS A 233 38.78 -24.80 6.52
N MET A 234 39.67 -25.13 5.61
CA MET A 234 40.23 -26.48 5.59
C MET A 234 40.76 -26.95 6.93
N ASP A 235 41.38 -26.06 7.72
CA ASP A 235 42.03 -26.55 8.96
C ASP A 235 41.14 -26.46 10.16
N ASP A 236 39.85 -26.21 9.94
CA ASP A 236 38.92 -26.13 11.03
C ASP A 236 38.74 -27.54 11.60
N PRO A 237 39.15 -27.75 12.87
CA PRO A 237 38.93 -29.08 13.49
C PRO A 237 37.43 -29.48 13.64
N SER A 238 36.50 -28.56 13.38
CA SER A 238 35.05 -28.93 13.41
C SER A 238 34.34 -28.51 12.12
N PRO A 239 34.51 -29.37 11.09
CA PRO A 239 34.01 -28.91 9.81
C PRO A 239 32.47 -28.76 9.83
N ARG A 240 31.91 -27.87 8.97
CA ARG A 240 30.45 -27.76 8.84
C ARG A 240 30.18 -27.91 7.32
N GLU A 241 29.41 -28.89 6.94
CA GLU A 241 28.99 -28.96 5.52
C GLU A 241 28.16 -27.74 5.07
N MET A 242 28.36 -27.31 3.81
CA MET A 242 27.56 -26.24 3.24
C MET A 242 26.34 -26.88 2.59
N ILE A 243 25.25 -26.90 3.41
CA ILE A 243 23.96 -27.41 3.00
C ILE A 243 22.85 -26.49 3.57
N ASN A 244 21.63 -26.58 2.98
CA ASN A 244 20.52 -25.79 3.56
C ASN A 244 20.78 -24.30 3.63
N ASN A 245 21.47 -23.78 2.58
CA ASN A 245 21.96 -22.39 2.58
C ASN A 245 20.89 -21.52 1.88
N PHE A 246 19.64 -21.66 2.27
CA PHE A 246 18.53 -20.84 1.76
C PHE A 246 17.80 -20.25 2.94
N ARG A 247 17.24 -19.07 2.70
CA ARG A 247 16.45 -18.36 3.77
C ARG A 247 15.00 -18.88 3.70
N GLN A 248 14.36 -19.08 4.88
CA GLN A 248 12.89 -19.33 4.82
C GLN A 248 12.08 -18.19 4.20
N VAL A 249 10.99 -18.51 3.59
CA VAL A 249 10.13 -17.50 3.04
C VAL A 249 9.61 -16.50 4.07
N GLN A 250 9.44 -15.27 3.62
CA GLN A 250 9.01 -14.17 4.49
C GLN A 250 7.55 -13.90 4.27
N LYS A 251 6.89 -13.29 5.30
CA LYS A 251 5.51 -12.77 5.08
C LYS A 251 5.51 -11.74 3.96
N PHE A 252 4.44 -11.60 3.17
N PHE A 252 4.45 -11.79 3.16
CA PHE A 252 4.50 -10.58 2.08
CA PHE A 252 4.23 -10.90 2.04
C PHE A 252 3.28 -9.61 1.84
C PHE A 252 2.77 -10.55 2.05
N ASP A 253 2.41 -9.55 2.84
CA ASP A 253 0.98 -9.08 2.88
C ASP A 253 0.62 -7.74 2.21
N GLU A 254 -0.55 -7.71 1.57
CA GLU A 254 -1.09 -6.50 0.91
C GLU A 254 -0.21 -6.04 -0.23
N ARG A 255 0.45 -7.02 -0.84
CA ARG A 255 1.34 -6.77 -1.98
C ARG A 255 1.07 -7.77 -3.10
N LEU A 256 1.45 -7.31 -4.29
CA LEU A 256 1.38 -8.11 -5.45
C LEU A 256 2.78 -8.51 -5.96
N VAL A 257 2.77 -9.67 -6.60
CA VAL A 257 3.85 -10.01 -7.53
C VAL A 257 3.29 -9.88 -8.94
N TYR A 258 4.01 -9.18 -9.78
CA TYR A 258 3.59 -8.93 -11.14
C TYR A 258 4.14 -9.99 -12.00
N THR A 259 3.37 -10.40 -12.99
CA THR A 259 3.83 -11.45 -13.91
C THR A 259 3.80 -10.94 -15.34
N SER A 260 4.79 -11.39 -16.10
CA SER A 260 4.81 -11.02 -17.54
C SER A 260 3.92 -11.93 -18.38
N PHE A 261 3.32 -12.92 -17.73
CA PHE A 261 2.44 -13.89 -18.38
C PHE A 261 1.13 -13.88 -17.71
N SER A 262 0.12 -14.17 -18.51
CA SER A 262 -1.13 -14.40 -17.82
C SER A 262 -1.42 -15.90 -17.89
N GLN A 263 -1.36 -16.44 -19.11
CA GLN A 263 -1.72 -17.84 -19.35
C GLN A 263 -1.05 -18.81 -18.36
N LYS B 3 7.63 -5.40 23.26
CA LYS B 3 6.19 -5.60 23.01
C LYS B 3 6.15 -6.32 21.67
N TRP B 4 6.46 -7.63 21.69
CA TRP B 4 6.65 -8.37 20.45
C TRP B 4 5.35 -8.35 19.69
N THR B 5 5.47 -8.48 18.40
CA THR B 5 4.31 -8.49 17.51
C THR B 5 4.55 -9.51 16.37
N TYR B 6 3.64 -9.47 15.41
CA TYR B 6 3.85 -10.25 14.18
C TYR B 6 4.09 -9.43 12.92
N PHE B 7 4.28 -8.12 13.13
CA PHE B 7 4.36 -7.23 12.02
C PHE B 7 5.15 -6.04 12.39
N GLY B 8 6.20 -5.74 11.63
CA GLY B 8 6.98 -4.44 11.84
C GLY B 8 8.20 -4.65 12.72
N PRO B 9 8.73 -3.59 13.31
CA PRO B 9 10.01 -3.70 13.95
C PRO B 9 10.13 -4.71 15.01
N ASP B 10 9.00 -5.09 15.66
CA ASP B 10 9.01 -6.01 16.78
C ASP B 10 8.47 -7.41 16.34
N GLY B 11 8.46 -7.56 15.01
CA GLY B 11 7.93 -8.84 14.37
C GLY B 11 8.99 -9.94 14.42
N GLU B 12 8.62 -11.08 13.82
CA GLU B 12 9.29 -12.34 14.15
C GLU B 12 10.76 -12.46 13.84
N ASN B 13 11.26 -11.68 12.86
CA ASN B 13 12.69 -11.77 12.57
C ASN B 13 13.54 -11.04 13.63
N SER B 14 12.80 -10.30 14.46
CA SER B 14 13.43 -9.53 15.60
C SER B 14 13.22 -10.12 16.96
N TRP B 15 12.39 -11.13 17.13
CA TRP B 15 12.11 -11.67 18.47
C TRP B 15 13.35 -12.15 19.14
N SER B 16 14.35 -12.68 18.40
CA SER B 16 15.60 -13.21 19.04
C SER B 16 16.43 -12.10 19.72
N LYS B 17 16.17 -10.86 19.34
CA LYS B 17 16.90 -9.72 19.99
C LYS B 17 16.60 -9.71 21.45
N LYS B 18 15.34 -9.98 21.85
CA LYS B 18 14.91 -9.95 23.30
C LYS B 18 14.75 -11.36 23.90
N TYR B 19 14.58 -12.39 23.05
CA TYR B 19 14.21 -13.71 23.47
C TYR B 19 15.15 -14.70 22.76
N PRO B 20 16.32 -14.93 23.37
CA PRO B 20 17.33 -15.72 22.68
C PRO B 20 16.87 -17.07 22.18
N SER B 21 15.94 -17.76 22.86
CA SER B 21 15.60 -19.10 22.39
C SER B 21 14.91 -18.98 21.01
N CYS B 22 14.33 -17.85 20.66
CA CYS B 22 13.66 -17.74 19.34
C CYS B 22 14.69 -17.85 18.23
N GLY B 23 15.99 -17.63 18.52
CA GLY B 23 17.05 -17.88 17.56
C GLY B 23 17.77 -19.18 17.84
N GLY B 24 17.25 -20.05 18.67
CA GLY B 24 18.02 -21.26 19.10
C GLY B 24 17.52 -22.45 18.27
N LEU B 25 17.82 -23.61 18.77
CA LEU B 25 17.43 -24.77 17.95
C LEU B 25 16.01 -25.23 18.30
N LEU B 26 15.56 -26.20 17.50
CA LEU B 26 14.29 -26.94 17.75
C LEU B 26 13.03 -26.06 17.72
N GLN B 27 13.08 -25.07 16.83
CA GLN B 27 11.92 -24.12 16.78
C GLN B 27 10.73 -24.67 15.98
N SER B 28 9.57 -24.21 16.40
CA SER B 28 8.29 -24.44 15.75
C SER B 28 7.70 -23.15 15.26
N PRO B 29 6.77 -23.19 14.28
CA PRO B 29 6.21 -24.39 13.62
C PRO B 29 7.10 -24.81 12.48
N ILE B 30 6.66 -25.91 11.85
CA ILE B 30 7.41 -26.48 10.69
C ILE B 30 6.43 -26.90 9.62
N ASP B 31 7.04 -27.09 8.43
CA ASP B 31 6.30 -27.64 7.31
C ASP B 31 6.40 -29.17 7.36
N LEU B 32 5.20 -29.78 7.35
CA LEU B 32 5.11 -31.25 7.43
C LEU B 32 5.09 -31.74 5.96
N HIS B 33 6.17 -32.38 5.52
CA HIS B 33 6.31 -32.85 4.12
C HIS B 33 7.03 -34.20 4.14
N SER B 34 6.85 -34.90 3.00
CA SER B 34 7.22 -36.36 2.96
C SER B 34 8.67 -36.62 3.37
N ASP B 35 9.63 -35.76 2.97
CA ASP B 35 11.01 -36.11 3.15
C ASP B 35 11.45 -36.29 4.56
N ILE B 36 10.68 -35.69 5.45
CA ILE B 36 11.06 -35.69 6.86
C ILE B 36 10.10 -36.45 7.77
N LEU B 37 9.12 -37.12 7.16
CA LEU B 37 8.06 -37.94 7.86
C LEU B 37 8.56 -39.34 8.00
N GLN B 38 8.33 -39.94 9.17
CA GLN B 38 8.66 -41.40 9.30
C GLN B 38 7.63 -42.02 10.19
N TYR B 39 7.05 -43.12 9.72
CA TYR B 39 6.07 -43.82 10.52
C TYR B 39 6.71 -44.44 11.75
N ASP B 40 6.02 -44.29 12.88
CA ASP B 40 6.46 -44.87 14.13
C ASP B 40 5.26 -45.62 14.73
N ALA B 41 5.28 -46.97 14.73
CA ALA B 41 4.21 -47.78 15.27
C ALA B 41 4.01 -47.67 16.80
N SER B 42 5.03 -47.15 17.50
CA SER B 42 4.83 -46.90 18.91
C SER B 42 3.95 -45.67 19.28
N LEU B 43 3.55 -44.91 18.28
CA LEU B 43 2.70 -43.73 18.55
C LEU B 43 1.27 -44.19 18.60
N THR B 44 0.97 -44.65 19.82
CA THR B 44 -0.36 -45.18 20.11
C THR B 44 -1.39 -44.09 20.43
N PRO B 45 -2.70 -44.37 20.52
CA PRO B 45 -3.73 -43.31 20.62
C PRO B 45 -3.65 -42.56 21.93
N LEU B 46 -3.83 -41.24 21.88
CA LEU B 46 -4.01 -40.50 23.14
C LEU B 46 -5.44 -40.66 23.63
N GLU B 47 -5.58 -40.57 24.95
CA GLU B 47 -6.91 -40.45 25.49
C GLU B 47 -7.06 -39.04 26.17
N PHE B 48 -8.26 -38.53 25.96
CA PHE B 48 -8.58 -37.12 26.41
C PHE B 48 -9.54 -37.17 27.61
N GLN B 49 -8.95 -36.87 28.77
CA GLN B 49 -9.67 -37.12 30.00
C GLN B 49 -10.13 -35.80 30.63
N GLY B 50 -11.39 -35.70 31.01
CA GLY B 50 -11.86 -34.49 31.71
C GLY B 50 -11.98 -33.34 30.72
N TYR B 51 -12.02 -33.70 29.45
CA TYR B 51 -12.33 -32.67 28.41
C TYR B 51 -13.76 -32.21 28.31
N ASN B 52 -14.74 -32.98 28.84
CA ASN B 52 -16.13 -32.60 28.74
C ASN B 52 -16.48 -31.69 29.93
N LEU B 53 -16.22 -30.40 29.75
CA LEU B 53 -16.33 -29.46 30.88
C LEU B 53 -17.88 -29.21 31.12
N SER B 54 -18.27 -29.05 32.41
CA SER B 54 -19.66 -28.85 32.67
C SER B 54 -20.21 -27.55 32.12
N ALA B 55 -21.37 -27.54 31.42
CA ALA B 55 -22.01 -26.33 30.94
C ALA B 55 -22.48 -25.42 32.06
N ASN B 56 -22.47 -25.94 33.32
CA ASN B 56 -22.95 -25.10 34.41
C ASN B 56 -21.78 -24.44 35.07
N LYS B 57 -20.55 -24.75 34.68
CA LYS B 57 -19.33 -24.08 35.12
C LYS B 57 -18.93 -23.09 33.98
N GLN B 58 -18.03 -22.20 34.32
CA GLN B 58 -17.60 -21.18 33.34
C GLN B 58 -16.08 -21.00 33.44
N PHE B 59 -15.51 -20.74 32.21
CA PHE B 59 -14.08 -20.68 32.00
C PHE B 59 -13.66 -19.35 31.40
N LEU B 60 -12.52 -18.88 31.90
CA LEU B 60 -12.08 -17.52 31.57
C LEU B 60 -11.48 -17.45 30.16
N LEU B 61 -12.05 -16.59 29.35
CA LEU B 61 -11.57 -16.21 28.01
C LEU B 61 -10.89 -14.85 28.12
N THR B 62 -9.69 -14.71 27.58
CA THR B 62 -8.91 -13.48 27.74
C THR B 62 -8.24 -13.13 26.42
N ASN B 63 -8.22 -11.86 26.07
CA ASN B 63 -7.36 -11.35 25.00
C ASN B 63 -6.08 -10.97 25.63
N ASN B 64 -4.99 -11.65 25.30
CA ASN B 64 -3.70 -11.37 25.94
C ASN B 64 -2.79 -10.39 25.14
N GLY B 65 -3.38 -9.77 24.11
CA GLY B 65 -2.60 -8.91 23.21
C GLY B 65 -1.96 -9.64 22.05
N HIS B 66 -2.00 -10.98 22.04
CA HIS B 66 -1.41 -11.81 20.96
C HIS B 66 -2.30 -12.85 20.39
N SER B 67 -3.22 -13.36 21.17
CA SER B 67 -4.26 -14.34 20.71
C SER B 67 -5.42 -14.15 21.66
N VAL B 68 -6.43 -15.00 21.39
CA VAL B 68 -7.53 -15.12 22.37
C VAL B 68 -7.30 -16.50 23.00
N LYS B 69 -7.33 -16.53 24.34
CA LYS B 69 -7.09 -17.80 25.09
C LYS B 69 -8.23 -18.12 26.04
N LEU B 70 -8.49 -19.42 26.18
CA LEU B 70 -9.50 -19.93 27.14
C LEU B 70 -8.68 -20.69 28.12
N ASN B 71 -8.81 -20.36 29.44
CA ASN B 71 -8.15 -21.13 30.53
C ASN B 71 -8.94 -22.43 30.76
N LEU B 72 -8.15 -23.44 31.04
CA LEU B 72 -8.74 -24.77 31.18
C LEU B 72 -8.30 -25.30 32.57
N PRO B 73 -9.12 -26.24 33.11
CA PRO B 73 -8.90 -26.72 34.48
C PRO B 73 -7.88 -27.83 34.49
N SER B 74 -7.18 -27.95 35.60
CA SER B 74 -6.07 -28.93 35.59
C SER B 74 -6.53 -30.38 35.72
N ASP B 75 -7.84 -30.59 35.91
CA ASP B 75 -8.36 -31.98 35.96
C ASP B 75 -8.50 -32.55 34.54
N MET B 76 -8.31 -31.66 33.57
CA MET B 76 -8.37 -32.03 32.15
C MET B 76 -6.95 -32.43 31.77
N HIS B 77 -6.79 -33.66 31.20
CA HIS B 77 -5.44 -34.17 30.90
C HIS B 77 -5.40 -35.09 29.73
N ILE B 78 -4.23 -35.23 29.21
CA ILE B 78 -3.99 -36.28 28.17
C ILE B 78 -3.44 -37.50 28.90
N GLN B 79 -4.02 -38.65 28.57
CA GLN B 79 -3.57 -40.03 29.03
C GLN B 79 -2.89 -40.66 27.76
N GLY B 80 -1.70 -41.23 27.93
CA GLY B 80 -1.08 -41.95 26.81
C GLY B 80 0.35 -41.51 26.58
N LEU B 81 0.72 -40.33 27.12
CA LEU B 81 2.12 -39.92 27.04
C LEU B 81 2.87 -40.61 28.22
N GLN B 82 4.16 -40.38 28.35
CA GLN B 82 4.87 -41.13 29.45
C GLN B 82 4.80 -40.42 30.80
N SER B 83 4.20 -39.22 30.79
CA SER B 83 3.71 -38.54 32.04
C SER B 83 2.31 -38.07 31.76
N ARG B 84 1.54 -37.74 32.81
N ARG B 84 1.56 -37.74 32.80
CA ARG B 84 0.24 -37.09 32.64
CA ARG B 84 0.30 -37.11 32.62
C ARG B 84 0.51 -35.62 32.32
C ARG B 84 0.60 -35.66 32.24
N TYR B 85 -0.12 -35.16 31.23
CA TYR B 85 -0.04 -33.71 30.92
C TYR B 85 -1.35 -33.17 31.17
N SER B 86 -1.41 -32.11 32.00
CA SER B 86 -2.72 -31.50 32.31
C SER B 86 -2.87 -30.16 31.52
N ALA B 87 -4.12 -29.95 31.21
CA ALA B 87 -4.50 -28.74 30.34
C ALA B 87 -4.16 -27.49 31.13
N THR B 88 -3.78 -26.41 30.39
CA THR B 88 -3.75 -25.09 31.00
C THR B 88 -4.51 -24.02 30.25
N GLN B 89 -4.43 -24.05 28.88
CA GLN B 89 -5.20 -23.07 28.10
C GLN B 89 -5.23 -23.55 26.67
N LEU B 90 -6.23 -23.04 25.94
CA LEU B 90 -6.18 -23.16 24.48
C LEU B 90 -6.27 -21.79 23.86
N HIS B 91 -5.80 -21.70 22.60
CA HIS B 91 -5.85 -20.39 21.89
C HIS B 91 -5.69 -20.74 20.40
N LEU B 92 -5.75 -19.64 19.63
CA LEU B 92 -5.75 -19.80 18.16
C LEU B 92 -4.74 -18.90 17.45
N HIS B 93 -4.49 -19.28 16.20
CA HIS B 93 -3.66 -18.43 15.28
C HIS B 93 -4.37 -18.38 13.99
N TRP B 94 -4.37 -17.23 13.34
CA TRP B 94 -5.17 -16.98 12.11
C TRP B 94 -4.54 -15.92 11.24
N GLY B 95 -5.20 -15.71 10.11
CA GLY B 95 -4.61 -14.80 9.08
C GLY B 95 -5.41 -13.51 9.09
N ASN B 96 -6.05 -13.13 7.99
CA ASN B 96 -6.83 -11.88 7.97
C ASN B 96 -7.95 -11.99 6.97
N PRO B 97 -8.91 -11.02 6.89
CA PRO B 97 -10.09 -11.21 6.06
C PRO B 97 -9.79 -11.38 4.56
N ASN B 98 -8.70 -10.78 4.10
CA ASN B 98 -8.38 -10.84 2.66
C ASN B 98 -7.40 -11.96 2.39
N ASP B 99 -6.92 -12.65 3.41
CA ASP B 99 -5.99 -13.81 3.14
C ASP B 99 -6.24 -14.73 4.37
N PRO B 100 -7.29 -15.57 4.33
CA PRO B 100 -7.62 -16.46 5.49
C PRO B 100 -6.74 -17.71 5.47
N HIS B 101 -5.45 -17.54 5.66
CA HIS B 101 -4.49 -18.64 5.54
C HIS B 101 -3.43 -18.50 6.55
N GLY B 102 -3.83 -18.59 7.79
CA GLY B 102 -2.97 -18.28 8.97
C GLY B 102 -2.68 -19.42 9.91
N SER B 103 -2.72 -20.70 9.44
CA SER B 103 -2.19 -21.71 10.33
C SER B 103 -0.70 -21.55 10.56
N GLU B 104 -0.16 -22.11 11.64
CA GLU B 104 1.27 -22.08 11.90
C GLU B 104 2.00 -23.21 11.20
N HIS B 105 1.62 -24.45 11.49
CA HIS B 105 2.16 -25.57 10.71
C HIS B 105 1.55 -25.54 9.35
N THR B 106 2.39 -25.97 8.37
CA THR B 106 1.92 -26.19 7.00
C THR B 106 2.06 -27.66 6.64
N VAL B 107 1.28 -28.06 5.61
CA VAL B 107 1.38 -29.43 5.17
C VAL B 107 1.68 -29.40 3.68
N SER B 108 2.83 -29.97 3.37
CA SER B 108 3.32 -29.97 1.93
C SER B 108 3.27 -28.53 1.37
N GLY B 109 3.75 -27.58 2.16
CA GLY B 109 3.85 -26.20 1.79
C GLY B 109 2.59 -25.30 1.86
N GLN B 110 1.47 -25.87 2.25
CA GLN B 110 0.18 -25.15 2.19
C GLN B 110 -0.25 -24.81 3.65
N HIS B 111 -0.64 -23.57 3.83
CA HIS B 111 -1.37 -23.13 5.03
C HIS B 111 -2.79 -23.54 5.04
N PHE B 112 -3.27 -23.89 6.21
CA PHE B 112 -4.68 -23.98 6.51
C PHE B 112 -5.18 -22.61 6.95
N ALA B 113 -6.49 -22.44 7.14
CA ALA B 113 -7.05 -21.15 7.45
C ALA B 113 -6.59 -20.69 8.82
N ALA B 114 -6.55 -21.59 9.80
CA ALA B 114 -6.18 -21.17 11.18
C ALA B 114 -5.72 -22.45 11.89
N GLU B 115 -5.37 -22.29 13.17
CA GLU B 115 -4.86 -23.41 13.95
C GLU B 115 -5.20 -23.21 15.40
N LEU B 116 -5.67 -24.28 16.07
CA LEU B 116 -5.98 -24.30 17.51
C LEU B 116 -4.86 -25.02 18.20
N HIS B 117 -4.40 -24.43 19.27
CA HIS B 117 -3.40 -25.07 20.18
C HIS B 117 -3.99 -25.29 21.57
N ILE B 118 -4.01 -26.57 21.99
CA ILE B 118 -4.42 -26.82 23.39
C ILE B 118 -3.19 -27.18 24.18
N VAL B 119 -2.72 -26.29 25.07
CA VAL B 119 -1.46 -26.37 25.77
C VAL B 119 -1.66 -27.13 27.08
N HIS B 120 -0.73 -28.08 27.24
CA HIS B 120 -0.68 -28.86 28.50
C HIS B 120 0.71 -28.81 29.05
N TYR B 121 0.80 -29.04 30.37
CA TYR B 121 2.07 -29.08 30.99
C TYR B 121 2.16 -30.40 31.82
N ASN B 122 3.38 -30.76 32.04
CA ASN B 122 3.66 -31.97 32.82
C ASN B 122 3.33 -31.83 34.34
N SER B 123 2.12 -32.23 34.71
CA SER B 123 1.59 -31.98 36.09
C SER B 123 2.13 -33.06 37.06
N ASP B 124 2.74 -34.12 36.51
CA ASP B 124 3.46 -35.11 37.33
C ASP B 124 4.70 -34.46 37.93
N LEU B 125 5.34 -33.57 37.17
CA LEU B 125 6.61 -32.93 37.54
C LEU B 125 6.57 -31.46 37.96
N TYR B 126 5.55 -30.72 37.50
CA TYR B 126 5.56 -29.26 37.68
C TYR B 126 4.25 -28.79 38.19
N PRO B 127 4.31 -27.70 38.99
CA PRO B 127 3.18 -27.17 39.68
C PRO B 127 2.20 -26.34 38.81
N ASP B 128 2.69 -25.81 37.68
CA ASP B 128 1.91 -24.95 36.80
C ASP B 128 2.67 -24.88 35.51
N ALA B 129 1.98 -24.39 34.46
CA ALA B 129 2.55 -24.29 33.12
C ALA B 129 3.67 -23.26 32.98
N SER B 130 3.63 -22.19 33.78
N SER B 130 3.65 -22.17 33.75
CA SER B 130 4.63 -21.12 33.66
CA SER B 130 4.73 -21.15 33.62
C SER B 130 6.02 -21.60 34.11
C SER B 130 6.06 -21.73 34.04
N THR B 131 6.05 -22.40 35.19
CA THR B 131 7.23 -23.08 35.69
C THR B 131 7.70 -24.15 34.74
N ALA B 132 6.75 -24.93 34.15
CA ALA B 132 7.08 -26.01 33.17
C ALA B 132 7.69 -25.49 31.85
N SER B 133 7.46 -24.22 31.54
CA SER B 133 7.60 -23.70 30.15
C SER B 133 9.04 -23.64 29.68
N ASN B 134 9.92 -23.33 30.63
CA ASN B 134 11.31 -23.19 30.28
C ASN B 134 12.12 -24.40 30.71
N LYS B 135 11.43 -25.51 30.95
CA LYS B 135 12.01 -26.73 31.55
C LYS B 135 11.77 -28.05 30.77
N SER B 136 12.63 -29.07 30.95
CA SER B 136 12.64 -30.24 30.02
C SER B 136 11.44 -31.16 30.13
N GLU B 137 10.90 -31.54 28.98
CA GLU B 137 9.63 -32.30 28.95
C GLU B 137 8.48 -31.47 29.58
N GLY B 138 8.55 -30.17 29.49
CA GLY B 138 7.60 -29.41 30.29
C GLY B 138 6.21 -29.27 29.68
N LEU B 139 6.13 -29.13 28.34
CA LEU B 139 4.85 -28.85 27.74
C LEU B 139 4.49 -29.89 26.66
N ALA B 140 3.22 -30.05 26.43
CA ALA B 140 2.77 -30.82 25.28
C ALA B 140 1.57 -30.06 24.72
N VAL B 141 1.61 -29.84 23.39
CA VAL B 141 0.52 -29.11 22.75
C VAL B 141 -0.16 -30.01 21.77
N LEU B 142 -1.48 -29.98 21.75
CA LEU B 142 -2.26 -30.61 20.68
C LEU B 142 -2.60 -29.50 19.69
N ALA B 143 -2.30 -29.70 18.38
CA ALA B 143 -2.61 -28.72 17.38
C ALA B 143 -3.63 -29.27 16.44
N VAL B 144 -4.67 -28.46 16.15
CA VAL B 144 -5.71 -28.77 15.19
C VAL B 144 -5.65 -27.77 14.06
N LEU B 145 -5.48 -28.32 12.86
CA LEU B 145 -5.54 -27.55 11.65
C LEU B 145 -6.95 -27.23 11.32
N ILE B 146 -7.24 -25.99 10.97
CA ILE B 146 -8.59 -25.50 10.71
C ILE B 146 -8.74 -25.06 9.25
N GLU B 147 -9.67 -25.63 8.51
N GLU B 147 -9.72 -25.61 8.54
CA GLU B 147 -9.94 -25.18 7.15
CA GLU B 147 -9.98 -25.30 7.14
C GLU B 147 -11.29 -24.50 7.04
C GLU B 147 -11.32 -24.55 7.00
N MET B 148 -11.40 -23.62 6.05
CA MET B 148 -12.66 -23.00 5.71
C MET B 148 -13.62 -24.06 5.10
N GLY B 149 -14.77 -24.11 5.77
CA GLY B 149 -15.72 -25.19 5.42
C GLY B 149 -17.09 -24.87 6.03
N SER B 150 -17.70 -25.92 6.55
CA SER B 150 -19.01 -25.77 7.25
C SER B 150 -18.90 -25.03 8.56
N PHE B 151 -19.99 -24.36 8.87
CA PHE B 151 -20.17 -23.81 10.20
C PHE B 151 -19.93 -24.86 11.25
N ASN B 152 -19.26 -24.48 12.36
CA ASN B 152 -18.92 -25.40 13.39
C ASN B 152 -19.51 -24.93 14.73
N PRO B 153 -20.62 -25.50 15.20
CA PRO B 153 -21.25 -25.01 16.43
C PRO B 153 -20.31 -25.18 17.61
N SER B 154 -19.42 -26.14 17.64
CA SER B 154 -18.56 -26.27 18.81
C SER B 154 -17.53 -25.11 18.92
N TYR B 155 -16.84 -24.81 17.80
CA TYR B 155 -15.99 -23.62 17.83
C TYR B 155 -16.79 -22.37 18.11
N ASP B 156 -18.08 -22.31 17.76
CA ASP B 156 -18.81 -21.11 18.01
C ASP B 156 -19.04 -20.90 19.48
N LYS B 157 -18.85 -21.98 20.28
CA LYS B 157 -19.05 -21.80 21.76
C LYS B 157 -17.95 -20.82 22.20
N ILE B 158 -16.82 -20.73 21.46
CA ILE B 158 -15.76 -19.77 21.78
C ILE B 158 -16.07 -18.50 20.99
N PHE B 159 -16.28 -18.56 19.66
CA PHE B 159 -16.37 -17.37 18.86
C PHE B 159 -17.52 -16.45 19.16
N SER B 160 -18.57 -16.99 19.75
CA SER B 160 -19.76 -16.16 20.10
C SER B 160 -19.44 -15.19 21.18
N HIS B 161 -18.26 -15.34 21.83
CA HIS B 161 -17.86 -14.37 22.90
C HIS B 161 -16.81 -13.36 22.42
N LEU B 162 -16.44 -13.32 21.13
CA LEU B 162 -15.25 -12.50 20.74
C LEU B 162 -15.56 -11.04 20.92
N GLN B 163 -16.81 -10.59 20.76
CA GLN B 163 -17.01 -9.15 20.87
C GLN B 163 -16.93 -8.64 22.30
N HIS B 164 -16.73 -9.53 23.24
CA HIS B 164 -16.53 -9.19 24.65
C HIS B 164 -15.09 -9.23 25.16
N VAL B 165 -14.18 -9.63 24.25
CA VAL B 165 -12.74 -9.68 24.57
C VAL B 165 -12.02 -8.97 23.43
N LYS B 166 -12.62 -7.90 22.87
CA LYS B 166 -12.08 -7.22 21.70
C LYS B 166 -10.70 -6.64 21.97
N TYR B 167 -10.39 -6.24 23.24
CA TYR B 167 -9.14 -5.50 23.47
C TYR B 167 -8.25 -6.20 24.49
N LYS B 168 -6.95 -5.94 24.41
CA LYS B 168 -5.94 -6.52 25.31
C LYS B 168 -6.39 -6.32 26.74
N GLY B 169 -6.34 -7.42 27.48
CA GLY B 169 -6.62 -7.41 28.95
C GLY B 169 -8.03 -7.73 29.29
N GLN B 170 -8.95 -7.72 28.30
CA GLN B 170 -10.34 -7.97 28.56
C GLN B 170 -10.53 -9.49 28.79
N GLU B 171 -11.49 -9.74 29.63
CA GLU B 171 -11.81 -11.10 30.05
C GLU B 171 -13.31 -11.34 29.94
N ALA B 172 -13.75 -12.58 29.67
CA ALA B 172 -15.17 -12.91 29.55
C ALA B 172 -15.21 -14.37 30.07
N PHE B 173 -16.40 -14.85 30.39
CA PHE B 173 -16.65 -16.25 30.79
C PHE B 173 -17.44 -16.99 29.74
N VAL B 174 -16.92 -18.18 29.48
CA VAL B 174 -17.50 -19.10 28.47
C VAL B 174 -18.04 -20.31 29.26
N PRO B 175 -19.36 -20.59 29.09
CA PRO B 175 -19.86 -21.84 29.76
C PRO B 175 -18.98 -23.03 29.30
N GLY B 176 -18.88 -24.05 30.14
CA GLY B 176 -18.14 -25.27 29.80
C GLY B 176 -18.87 -26.00 28.66
N PHE B 177 -17.99 -26.67 27.87
CA PHE B 177 -18.53 -27.55 26.79
C PHE B 177 -17.47 -28.57 26.61
N ASN B 178 -17.82 -29.57 25.74
CA ASN B 178 -16.92 -30.64 25.55
C ASN B 178 -15.80 -30.26 24.54
N ILE B 179 -14.65 -30.04 25.13
CA ILE B 179 -13.44 -29.61 24.36
C ILE B 179 -13.11 -30.61 23.29
N GLU B 180 -13.38 -31.89 23.55
CA GLU B 180 -13.08 -32.87 22.51
C GLU B 180 -13.81 -32.57 21.25
N GLU B 181 -14.94 -31.85 21.25
CA GLU B 181 -15.66 -31.49 20.03
C GLU B 181 -14.80 -30.56 19.12
N LEU B 182 -13.73 -30.00 19.67
CA LEU B 182 -12.90 -29.13 18.83
C LEU B 182 -11.90 -30.00 18.06
N LEU B 183 -11.67 -31.28 18.43
CA LEU B 183 -10.69 -32.14 17.78
C LEU B 183 -11.33 -32.77 16.51
N PRO B 184 -10.45 -33.13 15.54
CA PRO B 184 -10.95 -33.67 14.26
C PRO B 184 -11.25 -35.11 14.39
N GLU B 185 -11.73 -35.61 13.26
CA GLU B 185 -11.86 -37.06 13.04
C GLU B 185 -10.55 -37.82 13.14
N ARG B 186 -10.62 -39.03 13.71
CA ARG B 186 -9.50 -39.96 13.72
C ARG B 186 -8.27 -39.37 14.42
N THR B 187 -8.51 -38.97 15.68
CA THR B 187 -7.40 -38.46 16.42
C THR B 187 -6.24 -39.43 16.62
N ALA B 188 -6.48 -40.72 16.35
CA ALA B 188 -5.39 -41.63 16.41
C ALA B 188 -4.28 -41.38 15.36
N GLU B 189 -4.64 -40.63 14.29
CA GLU B 189 -3.68 -40.27 13.21
C GLU B 189 -3.04 -38.86 13.51
N TYR B 190 -1.77 -38.87 13.83
CA TYR B 190 -1.12 -37.57 14.18
C TYR B 190 0.33 -37.59 13.82
N TYR B 191 0.92 -36.36 13.72
CA TYR B 191 2.31 -36.12 13.59
C TYR B 191 2.84 -35.76 14.97
N ARG B 192 4.00 -36.22 15.28
CA ARG B 192 4.64 -35.98 16.57
C ARG B 192 6.08 -35.54 16.41
N TYR B 193 6.51 -34.48 17.08
CA TYR B 193 7.88 -34.04 16.97
C TYR B 193 8.26 -33.18 18.16
N ARG B 194 9.57 -32.96 18.33
CA ARG B 194 10.07 -32.14 19.46
C ARG B 194 10.28 -30.77 18.90
N GLY B 195 9.68 -29.79 19.56
CA GLY B 195 9.91 -28.39 19.09
C GLY B 195 9.82 -27.41 20.21
N SER B 196 9.14 -26.32 19.89
CA SER B 196 9.25 -25.14 20.78
C SER B 196 7.89 -24.42 20.85
N LEU B 197 7.78 -23.54 21.84
CA LEU B 197 6.68 -22.54 21.75
C LEU B 197 6.86 -21.74 20.45
N THR B 198 5.70 -21.44 19.80
CA THR B 198 5.78 -20.66 18.53
C THR B 198 5.74 -19.18 18.77
N THR B 199 5.68 -18.79 20.09
CA THR B 199 5.66 -17.37 20.46
C THR B 199 6.86 -17.18 21.40
N PRO B 200 7.35 -15.96 21.50
CA PRO B 200 8.33 -15.67 22.55
C PRO B 200 7.81 -16.14 23.93
N PRO B 201 8.68 -16.69 24.75
CA PRO B 201 10.15 -16.78 24.61
C PRO B 201 10.64 -17.96 23.79
N CYS B 202 9.74 -18.69 23.11
CA CYS B 202 10.15 -19.76 22.12
C CYS B 202 10.98 -20.93 22.75
N ASN B 203 10.75 -21.21 24.00
CA ASN B 203 11.49 -22.27 24.64
C ASN B 203 11.32 -23.57 23.89
N PRO B 204 12.40 -24.32 23.76
CA PRO B 204 12.37 -25.59 23.00
C PRO B 204 11.92 -26.77 23.87
N THR B 205 10.75 -26.64 24.47
CA THR B 205 10.34 -27.52 25.51
C THR B 205 8.99 -28.17 25.28
N VAL B 206 8.58 -28.15 23.98
CA VAL B 206 7.28 -28.67 23.59
C VAL B 206 7.29 -30.03 22.79
N LEU B 207 6.53 -30.94 23.32
CA LEU B 207 6.20 -32.20 22.59
C LEU B 207 4.95 -31.85 21.77
N TRP B 208 5.13 -31.74 20.44
CA TRP B 208 4.04 -31.39 19.53
C TRP B 208 3.30 -32.63 19.09
N THR B 209 1.98 -32.57 19.06
CA THR B 209 1.08 -33.53 18.39
C THR B 209 0.23 -32.72 17.46
N VAL B 210 0.35 -32.85 16.14
CA VAL B 210 -0.52 -32.17 15.17
C VAL B 210 -1.41 -33.25 14.61
N PHE B 211 -2.69 -33.13 14.77
CA PHE B 211 -3.60 -34.14 14.18
C PHE B 211 -3.54 -34.14 12.67
N ARG B 212 -3.62 -35.31 12.08
CA ARG B 212 -3.54 -35.37 10.64
C ARG B 212 -4.71 -34.68 9.95
N ASN B 213 -5.93 -34.83 10.49
CA ASN B 213 -7.10 -34.35 9.78
C ASN B 213 -7.45 -32.95 10.31
N PRO B 214 -7.82 -32.03 9.44
CA PRO B 214 -8.35 -30.74 9.88
C PRO B 214 -9.78 -30.79 10.33
N VAL B 215 -10.18 -29.78 11.05
CA VAL B 215 -11.60 -29.47 11.25
C VAL B 215 -12.05 -28.34 10.34
N GLN B 216 -13.33 -28.12 10.14
CA GLN B 216 -13.84 -26.99 9.36
C GLN B 216 -14.57 -25.99 10.21
N ILE B 217 -14.36 -24.69 9.96
CA ILE B 217 -15.24 -23.64 10.47
C ILE B 217 -15.64 -22.78 9.27
N SER B 218 -16.72 -22.01 9.38
CA SER B 218 -17.11 -21.32 8.15
C SER B 218 -16.36 -20.08 7.86
N GLN B 219 -16.55 -19.55 6.64
CA GLN B 219 -15.99 -18.25 6.27
C GLN B 219 -16.49 -17.16 7.25
N GLU B 220 -17.74 -17.22 7.62
CA GLU B 220 -18.25 -16.17 8.52
C GLU B 220 -17.63 -16.31 9.91
N GLN B 221 -17.32 -17.51 10.38
CA GLN B 221 -16.65 -17.69 11.67
C GLN B 221 -15.27 -17.21 11.53
N LEU B 222 -14.57 -17.55 10.45
CA LEU B 222 -13.19 -16.99 10.30
C LEU B 222 -13.26 -15.45 10.26
N LEU B 223 -14.24 -14.89 9.53
CA LEU B 223 -14.27 -13.43 9.40
C LEU B 223 -14.47 -12.82 10.78
N ALA B 224 -15.33 -13.38 11.61
CA ALA B 224 -15.51 -12.84 12.96
C ALA B 224 -14.17 -12.94 13.72
N LEU B 225 -13.46 -14.06 13.67
CA LEU B 225 -12.19 -14.23 14.37
C LEU B 225 -11.17 -13.20 13.90
N GLU B 226 -11.18 -12.94 12.58
CA GLU B 226 -10.19 -12.05 11.95
C GLU B 226 -10.53 -10.54 12.08
N THR B 227 -11.72 -10.23 12.49
CA THR B 227 -12.11 -8.82 12.61
C THR B 227 -12.46 -8.37 13.98
N ALA B 228 -12.67 -9.28 14.91
CA ALA B 228 -13.23 -8.86 16.22
C ALA B 228 -12.14 -8.26 17.12
N LEU B 229 -10.91 -8.66 16.97
CA LEU B 229 -9.91 -8.51 18.06
C LEU B 229 -8.80 -7.57 17.69
N TYR B 230 -8.31 -6.93 18.73
CA TYR B 230 -7.22 -5.95 18.73
C TYR B 230 -6.08 -6.41 19.65
N CYS B 231 -4.82 -6.21 19.28
CA CYS B 231 -3.68 -6.48 20.10
C CYS B 231 -3.53 -5.47 21.24
N THR B 232 -4.22 -4.35 21.05
CA THR B 232 -4.00 -3.17 21.92
C THR B 232 -5.14 -3.02 22.93
N HIS B 233 -4.83 -2.24 23.99
CA HIS B 233 -5.89 -1.86 24.92
C HIS B 233 -7.04 -1.01 24.35
N MET B 234 -8.21 -1.03 24.99
CA MET B 234 -9.40 -0.29 24.54
C MET B 234 -9.11 1.21 24.39
N ASP B 235 -8.19 1.72 25.22
CA ASP B 235 -7.90 3.19 25.13
C ASP B 235 -6.65 3.50 24.40
N ASP B 236 -6.10 2.58 23.58
CA ASP B 236 -4.81 2.88 22.97
C ASP B 236 -5.03 3.80 21.76
N PRO B 237 -4.29 4.94 21.64
CA PRO B 237 -4.51 5.81 20.50
C PRO B 237 -3.79 5.32 19.21
N SER B 238 -3.10 4.15 19.27
N SER B 238 -3.04 4.19 19.22
CA SER B 238 -2.44 3.49 18.13
CA SER B 238 -2.57 3.54 17.98
C SER B 238 -2.95 2.06 17.96
C SER B 238 -2.99 2.09 18.03
N PRO B 239 -4.26 1.90 17.72
CA PRO B 239 -4.81 0.50 17.69
C PRO B 239 -4.14 -0.35 16.64
N ARG B 240 -4.02 -1.64 16.97
CA ARG B 240 -3.46 -2.62 16.07
C ARG B 240 -4.40 -3.85 16.02
N GLU B 241 -4.90 -4.17 14.84
CA GLU B 241 -5.76 -5.33 14.68
C GLU B 241 -4.97 -6.61 14.97
N MET B 242 -5.68 -7.56 15.62
CA MET B 242 -5.04 -8.90 15.87
C MET B 242 -5.35 -9.83 14.68
N ILE B 243 -4.41 -9.74 13.75
CA ILE B 243 -4.47 -10.48 12.48
C ILE B 243 -3.07 -11.04 12.23
N ASN B 244 -3.04 -12.11 11.38
CA ASN B 244 -1.79 -12.67 10.92
C ASN B 244 -0.83 -13.00 12.06
N ASN B 245 -1.44 -13.59 13.13
CA ASN B 245 -0.74 -13.89 14.35
C ASN B 245 -0.28 -15.33 14.30
N PHE B 246 0.50 -15.64 13.27
CA PHE B 246 1.18 -16.97 13.08
C PHE B 246 2.66 -16.72 12.76
N ARG B 247 3.50 -17.59 13.21
CA ARG B 247 4.97 -17.52 12.89
C ARG B 247 5.19 -18.25 11.58
N GLN B 248 6.19 -17.80 10.81
CA GLN B 248 6.63 -18.61 9.63
C GLN B 248 7.23 -19.91 10.07
N VAL B 249 7.21 -20.90 9.15
CA VAL B 249 7.81 -22.21 9.45
C VAL B 249 9.31 -22.09 9.55
N GLN B 250 9.89 -23.00 10.33
CA GLN B 250 11.29 -22.97 10.77
C GLN B 250 12.09 -24.02 10.09
N LYS B 251 13.42 -23.78 10.00
CA LYS B 251 14.31 -24.87 9.47
C LYS B 251 14.20 -26.12 10.39
N PHE B 252 14.37 -27.28 9.81
CA PHE B 252 14.30 -28.49 10.59
C PHE B 252 15.47 -28.78 11.58
N ASP B 253 16.67 -28.26 11.40
CA ASP B 253 17.78 -28.62 12.26
C ASP B 253 17.99 -30.16 12.41
N GLU B 254 17.84 -30.94 11.33
CA GLU B 254 18.07 -32.41 11.31
C GLU B 254 16.92 -33.24 11.97
N ARG B 255 15.90 -32.59 12.49
CA ARG B 255 14.77 -33.37 13.06
C ARG B 255 13.98 -34.22 11.96
N LEU B 256 13.38 -35.36 12.34
CA LEU B 256 12.29 -35.99 11.61
C LEU B 256 10.99 -35.73 12.44
N VAL B 257 9.89 -35.88 11.75
CA VAL B 257 8.57 -35.85 12.30
C VAL B 257 8.07 -37.26 12.20
N TYR B 258 7.61 -37.78 13.32
CA TYR B 258 7.12 -39.18 13.37
C TYR B 258 5.59 -39.26 13.20
N THR B 259 5.05 -40.21 12.45
CA THR B 259 3.65 -40.27 12.16
C THR B 259 3.05 -41.55 12.76
N SER B 260 1.84 -41.43 13.26
CA SER B 260 1.17 -42.66 13.84
C SER B 260 0.44 -43.40 12.73
N PHE B 261 0.48 -42.87 11.50
CA PHE B 261 -0.19 -43.44 10.32
C PHE B 261 0.91 -43.70 9.32
N SER B 262 0.77 -44.84 8.64
CA SER B 262 1.84 -45.20 7.77
C SER B 262 1.55 -44.74 6.38
N GLN B 263 0.32 -44.35 6.08
CA GLN B 263 -0.12 -43.96 4.73
C GLN B 263 -1.45 -43.28 4.91
N LYS C 3 11.56 26.04 -2.60
CA LYS C 3 11.37 24.72 -1.91
C LYS C 3 9.88 24.29 -1.91
N TRP C 4 9.06 24.93 -2.73
CA TRP C 4 7.67 24.49 -2.77
C TRP C 4 7.63 23.11 -3.42
N THR C 5 6.58 22.35 -3.09
CA THR C 5 6.46 20.98 -3.57
C THR C 5 4.99 20.67 -3.88
N TYR C 6 4.70 19.41 -4.20
CA TYR C 6 3.32 18.93 -4.40
C TYR C 6 2.88 17.93 -3.31
N PHE C 7 3.36 18.08 -2.04
N PHE C 7 3.66 17.78 -2.20
CA PHE C 7 2.89 17.25 -0.91
CA PHE C 7 3.50 16.73 -1.14
C PHE C 7 3.41 17.81 0.39
C PHE C 7 4.11 17.17 0.22
N GLY C 8 3.45 16.88 1.44
CA GLY C 8 4.10 17.19 2.69
C GLY C 8 3.54 18.49 3.24
N PRO C 9 4.35 19.31 3.94
CA PRO C 9 3.85 20.64 4.38
C PRO C 9 4.19 21.78 3.45
N ASP C 10 4.95 21.53 2.37
CA ASP C 10 5.29 22.65 1.43
C ASP C 10 4.50 22.56 0.13
N GLY C 11 3.41 21.80 0.22
CA GLY C 11 2.57 21.41 -0.96
C GLY C 11 1.55 22.53 -1.25
N GLU C 12 0.67 22.21 -2.21
CA GLU C 12 -0.08 23.30 -2.82
C GLU C 12 -0.97 24.11 -1.84
N ASN C 13 -1.50 23.47 -0.79
CA ASN C 13 -2.35 24.27 0.10
C ASN C 13 -1.56 25.29 0.90
N SER C 14 -0.24 25.08 0.97
N SER C 14 -0.24 25.15 1.01
CA SER C 14 0.64 25.97 1.69
CA SER C 14 0.53 26.15 1.75
C SER C 14 1.28 27.05 0.82
C SER C 14 1.39 27.01 0.79
N TRP C 15 1.23 26.88 -0.52
CA TRP C 15 1.87 27.84 -1.40
C TRP C 15 1.55 29.28 -1.07
N SER C 16 0.30 29.60 -0.70
CA SER C 16 -0.10 30.99 -0.48
C SER C 16 0.68 31.63 0.67
N LYS C 17 1.28 30.85 1.55
N LYS C 17 1.35 30.83 1.48
CA LYS C 17 2.12 31.48 2.64
CA LYS C 17 2.07 31.44 2.62
C LYS C 17 3.22 32.37 1.96
C LYS C 17 3.29 32.22 2.16
N LYS C 18 4.03 31.76 1.13
CA LYS C 18 5.18 32.49 0.50
C LYS C 18 4.81 33.17 -0.76
N TYR C 19 3.68 32.79 -1.42
CA TYR C 19 3.31 33.26 -2.76
C TYR C 19 1.85 33.70 -2.68
N PRO C 20 1.58 34.94 -2.25
CA PRO C 20 0.27 35.28 -1.86
C PRO C 20 -0.73 35.11 -3.07
N SER C 21 -0.23 35.25 -4.30
CA SER C 21 -1.19 35.18 -5.43
C SER C 21 -1.77 33.78 -5.54
N CYS C 22 -1.15 32.76 -4.92
CA CYS C 22 -1.77 31.40 -4.98
C CYS C 22 -3.06 31.32 -4.19
N GLY C 23 -3.38 32.29 -3.33
CA GLY C 23 -4.67 32.36 -2.64
C GLY C 23 -5.52 33.47 -3.22
N GLY C 24 -5.15 34.03 -4.38
CA GLY C 24 -5.89 35.15 -4.98
C GLY C 24 -6.88 34.79 -6.06
N LEU C 25 -7.20 35.75 -6.89
CA LEU C 25 -8.23 35.55 -7.91
C LEU C 25 -7.59 34.86 -9.10
N LEU C 26 -8.48 34.38 -9.97
CA LEU C 26 -8.16 33.93 -11.33
C LEU C 26 -7.25 32.71 -11.32
N GLN C 27 -7.34 31.82 -10.30
CA GLN C 27 -6.44 30.70 -10.27
C GLN C 27 -6.73 29.58 -11.22
N SER C 28 -5.69 29.00 -11.79
CA SER C 28 -5.71 27.83 -12.70
C SER C 28 -5.07 26.65 -12.00
N PRO C 29 -5.30 25.41 -12.42
CA PRO C 29 -6.14 25.03 -13.49
C PRO C 29 -7.62 24.90 -13.08
N ILE C 30 -8.47 24.57 -14.05
CA ILE C 30 -9.92 24.49 -13.80
C ILE C 30 -10.49 23.28 -14.55
N ASP C 31 -11.71 22.90 -14.16
CA ASP C 31 -12.47 21.91 -14.94
C ASP C 31 -13.19 22.58 -16.06
N LEU C 32 -13.02 22.00 -17.24
CA LEU C 32 -13.67 22.48 -18.46
C LEU C 32 -14.92 21.63 -18.72
N HIS C 33 -16.08 22.18 -18.48
CA HIS C 33 -17.37 21.39 -18.56
C HIS C 33 -18.43 22.17 -19.28
N SER C 34 -19.45 21.47 -19.80
N SER C 34 -19.45 21.52 -19.89
CA SER C 34 -20.35 22.02 -20.78
CA SER C 34 -20.33 22.22 -20.86
C SER C 34 -21.05 23.30 -20.37
C SER C 34 -21.05 23.42 -20.36
N ASP C 35 -21.48 23.36 -19.10
CA ASP C 35 -22.34 24.43 -18.53
C ASP C 35 -21.66 25.76 -18.46
N ILE C 36 -20.32 25.77 -18.61
CA ILE C 36 -19.59 27.00 -18.54
C ILE C 36 -18.89 27.37 -19.86
N LEU C 37 -19.16 26.63 -20.91
CA LEU C 37 -18.50 26.90 -22.22
C LEU C 37 -19.36 27.80 -23.03
N GLN C 38 -18.75 28.74 -23.70
CA GLN C 38 -19.49 29.62 -24.61
C GLN C 38 -18.67 29.82 -25.87
N TYR C 39 -19.26 29.57 -27.06
CA TYR C 39 -18.60 29.90 -28.28
C TYR C 39 -18.28 31.38 -28.42
N ASP C 40 -17.10 31.74 -28.95
CA ASP C 40 -16.68 33.13 -29.06
C ASP C 40 -16.04 33.23 -30.48
N ALA C 41 -16.69 34.03 -31.37
CA ALA C 41 -16.19 34.19 -32.75
C ALA C 41 -14.82 34.90 -32.82
N SER C 42 -14.36 35.52 -31.73
CA SER C 42 -13.09 36.16 -31.81
C SER C 42 -11.90 35.16 -31.86
N LEU C 43 -12.25 33.88 -31.58
CA LEU C 43 -11.20 32.88 -31.33
C LEU C 43 -10.80 32.22 -32.62
N THR C 44 -10.09 33.01 -33.42
CA THR C 44 -9.50 32.56 -34.70
C THR C 44 -8.26 31.62 -34.53
N PRO C 45 -7.77 30.94 -35.58
CA PRO C 45 -6.62 30.04 -35.42
C PRO C 45 -5.35 30.78 -35.09
N LEU C 46 -4.55 30.28 -34.13
CA LEU C 46 -3.24 30.83 -33.81
C LEU C 46 -2.27 30.32 -34.88
N GLU C 47 -1.21 31.07 -35.08
CA GLU C 47 -0.06 30.60 -35.86
C GLU C 47 1.16 30.45 -35.00
N PHE C 48 1.96 29.42 -35.24
CA PHE C 48 3.10 29.08 -34.43
C PHE C 48 4.30 29.35 -35.29
N GLN C 49 5.03 30.36 -34.88
CA GLN C 49 6.18 30.85 -35.70
C GLN C 49 7.49 30.54 -35.11
N GLY C 50 8.47 30.10 -35.95
CA GLY C 50 9.74 29.89 -35.34
C GLY C 50 9.82 28.62 -34.52
N TYR C 51 8.81 27.75 -34.65
CA TYR C 51 8.77 26.51 -33.82
C TYR C 51 9.64 25.39 -34.34
N ASN C 52 10.04 25.51 -35.62
CA ASN C 52 10.87 24.44 -36.23
C ASN C 52 12.36 24.69 -35.89
N LEU C 53 12.78 24.09 -34.77
CA LEU C 53 14.10 24.41 -34.22
C LEU C 53 15.10 23.42 -34.90
N SER C 54 16.21 23.95 -35.35
CA SER C 54 17.21 23.09 -36.04
C SER C 54 17.76 21.95 -35.19
N ALA C 55 17.86 20.78 -35.80
CA ALA C 55 18.46 19.55 -35.17
C ALA C 55 19.91 19.78 -34.70
N ASN C 56 20.62 20.76 -35.30
CA ASN C 56 22.01 20.94 -34.93
C ASN C 56 22.17 22.03 -33.84
N LYS C 57 21.00 22.62 -33.43
CA LYS C 57 20.96 23.49 -32.23
C LYS C 57 20.60 22.65 -31.07
N GLN C 58 20.86 23.19 -29.87
CA GLN C 58 20.43 22.48 -28.68
C GLN C 58 19.87 23.48 -27.65
N PHE C 59 19.09 22.84 -26.76
CA PHE C 59 18.17 23.49 -25.81
C PHE C 59 18.31 22.83 -24.49
N LEU C 60 18.43 23.64 -23.44
CA LEU C 60 18.85 23.15 -22.15
C LEU C 60 17.59 22.51 -21.55
N LEU C 61 17.70 21.27 -21.11
CA LEU C 61 16.68 20.51 -20.33
C LEU C 61 17.11 20.52 -18.85
N THR C 62 16.24 20.87 -17.95
CA THR C 62 16.59 21.04 -16.56
C THR C 62 15.56 20.34 -15.71
N ASN C 63 16.03 19.52 -14.78
CA ASN C 63 15.21 19.13 -13.72
C ASN C 63 15.25 20.16 -12.63
N ASN C 64 14.17 20.94 -12.50
CA ASN C 64 14.14 21.92 -11.42
C ASN C 64 13.54 21.52 -10.14
N GLY C 65 13.34 20.21 -9.94
CA GLY C 65 12.74 19.73 -8.69
C GLY C 65 11.22 19.72 -8.69
N HIS C 66 10.65 20.41 -9.68
CA HIS C 66 9.18 20.54 -9.80
C HIS C 66 8.71 19.91 -11.06
N SER C 67 9.51 19.95 -12.05
CA SER C 67 9.15 19.37 -13.35
C SER C 67 10.44 19.20 -14.13
N VAL C 68 10.31 18.79 -15.42
CA VAL C 68 11.41 18.87 -16.39
C VAL C 68 11.03 19.96 -17.37
N LYS C 69 11.94 20.93 -17.58
CA LYS C 69 11.66 22.07 -18.47
C LYS C 69 12.72 22.09 -19.55
N LEU C 70 12.30 22.48 -20.75
CA LEU C 70 13.15 22.72 -21.86
C LEU C 70 13.12 24.16 -22.14
N ASN C 71 14.28 24.81 -22.13
CA ASN C 71 14.35 26.19 -22.47
C ASN C 71 14.09 26.34 -24.00
N LEU C 72 13.36 27.41 -24.37
CA LEU C 72 12.98 27.66 -25.74
C LEU C 72 13.43 29.08 -26.16
N PRO C 73 13.76 29.30 -27.43
CA PRO C 73 14.29 30.57 -27.86
C PRO C 73 13.23 31.66 -28.15
N SER C 74 13.53 32.92 -27.84
CA SER C 74 12.56 34.02 -27.84
C SER C 74 12.12 34.38 -29.26
N ASP C 75 12.85 33.93 -30.27
CA ASP C 75 12.38 34.19 -31.63
C ASP C 75 11.22 33.19 -32.00
N MET C 76 10.94 32.20 -31.15
CA MET C 76 9.75 31.37 -31.36
C MET C 76 8.48 32.09 -30.77
N HIS C 77 7.41 32.19 -31.51
CA HIS C 77 6.24 33.01 -31.00
C HIS C 77 4.93 32.60 -31.53
N ILE C 78 3.89 33.00 -30.79
CA ILE C 78 2.54 32.89 -31.28
C ILE C 78 2.08 34.19 -31.96
N GLN C 79 1.44 34.04 -33.10
CA GLN C 79 0.87 35.10 -33.87
C GLN C 79 -0.65 34.84 -33.84
N GLY C 80 -1.41 35.92 -33.62
CA GLY C 80 -2.88 35.90 -33.58
C GLY C 80 -3.52 36.42 -32.30
N LEU C 81 -2.71 36.68 -31.27
CA LEU C 81 -3.22 37.26 -30.07
C LEU C 81 -3.04 38.81 -30.16
N GLN C 82 -3.50 39.55 -29.16
CA GLN C 82 -3.47 41.01 -29.29
C GLN C 82 -2.05 41.60 -29.17
N SER C 83 -1.08 40.86 -28.64
CA SER C 83 0.32 41.20 -28.57
C SER C 83 1.05 39.96 -29.06
N ARG C 84 2.30 40.12 -29.46
CA ARG C 84 3.20 38.98 -29.63
C ARG C 84 3.60 38.38 -28.32
N TYR C 85 3.47 37.02 -28.27
CA TYR C 85 3.96 36.25 -27.13
C TYR C 85 5.06 35.37 -27.63
N SER C 86 6.25 35.57 -27.05
CA SER C 86 7.47 34.79 -27.37
C SER C 86 7.67 33.64 -26.39
N ALA C 87 8.18 32.53 -26.91
CA ALA C 87 8.49 31.36 -26.08
C ALA C 87 9.54 31.61 -25.03
N THR C 88 9.45 30.83 -23.94
CA THR C 88 10.46 30.84 -22.88
C THR C 88 10.82 29.42 -22.49
N GLN C 89 9.86 28.48 -22.36
CA GLN C 89 10.19 27.12 -21.89
C GLN C 89 8.92 26.30 -22.13
N LEU C 90 9.12 24.99 -22.20
CA LEU C 90 8.02 24.12 -22.00
C LEU C 90 8.33 23.17 -20.88
N HIS C 91 7.27 22.58 -20.34
CA HIS C 91 7.43 21.56 -19.36
C HIS C 91 6.16 20.70 -19.29
N LEU C 92 6.18 19.70 -18.38
CA LEU C 92 5.10 18.73 -18.25
C LEU C 92 4.63 18.58 -16.83
N HIS C 93 3.38 18.05 -16.76
CA HIS C 93 2.78 17.64 -15.50
C HIS C 93 2.20 16.23 -15.64
N TRP C 94 2.44 15.37 -14.64
CA TRP C 94 1.91 14.01 -14.71
C TRP C 94 1.48 13.50 -13.31
N GLY C 95 1.04 12.23 -13.34
CA GLY C 95 0.61 11.59 -12.09
C GLY C 95 1.64 10.53 -11.61
N ASN C 96 1.12 9.34 -11.36
CA ASN C 96 2.05 8.25 -10.93
C ASN C 96 1.59 6.93 -11.55
N PRO C 97 2.41 5.88 -11.44
CA PRO C 97 1.98 4.65 -12.16
C PRO C 97 0.70 3.93 -11.60
N ASN C 98 0.47 4.17 -10.34
CA ASN C 98 -0.75 3.63 -9.64
C ASN C 98 -2.01 4.46 -9.86
N ASP C 99 -1.85 5.69 -10.35
CA ASP C 99 -3.01 6.60 -10.71
C ASP C 99 -2.51 7.51 -11.86
N PRO C 100 -2.50 7.00 -13.06
CA PRO C 100 -1.81 7.66 -14.17
C PRO C 100 -2.69 8.71 -14.86
N HIS C 101 -3.12 9.70 -14.04
CA HIS C 101 -4.09 10.74 -14.54
C HIS C 101 -3.72 12.03 -13.90
N GLY C 102 -2.67 12.66 -14.44
CA GLY C 102 -2.05 13.81 -13.89
C GLY C 102 -2.00 15.06 -14.78
N SER C 103 -3.01 15.19 -15.62
CA SER C 103 -3.17 16.51 -16.25
C SER C 103 -3.58 17.53 -15.19
N GLU C 104 -3.40 18.80 -15.55
CA GLU C 104 -3.85 19.86 -14.68
C GLU C 104 -5.28 20.24 -14.95
N HIS C 105 -5.61 20.67 -16.16
CA HIS C 105 -7.01 20.85 -16.58
C HIS C 105 -7.71 19.55 -16.65
N THR C 106 -8.98 19.58 -16.32
CA THR C 106 -9.82 18.38 -16.56
C THR C 106 -10.94 18.76 -17.51
N VAL C 107 -11.55 17.72 -18.12
CA VAL C 107 -12.64 17.96 -19.01
C VAL C 107 -13.82 17.11 -18.47
N SER C 108 -14.92 17.80 -18.16
CA SER C 108 -16.13 17.15 -17.56
C SER C 108 -15.72 16.29 -16.37
N GLY C 109 -14.79 16.83 -15.59
CA GLY C 109 -14.37 16.20 -14.40
C GLY C 109 -13.22 15.20 -14.52
N GLN C 110 -12.79 14.89 -15.74
CA GLN C 110 -11.87 13.78 -16.00
C GLN C 110 -10.44 14.34 -16.26
N HIS C 111 -9.45 13.79 -15.54
CA HIS C 111 -8.05 14.05 -15.84
C HIS C 111 -7.63 13.34 -17.10
N PHE C 112 -6.75 13.94 -17.84
CA PHE C 112 -5.91 13.20 -18.80
C PHE C 112 -4.69 12.63 -18.15
N ALA C 113 -3.87 11.78 -18.89
CA ALA C 113 -2.69 11.20 -18.29
C ALA C 113 -1.65 12.18 -17.86
N ALA C 114 -1.43 13.23 -18.69
CA ALA C 114 -0.42 14.22 -18.43
C ALA C 114 -0.79 15.49 -19.26
N GLU C 115 -0.03 16.55 -19.06
CA GLU C 115 -0.35 17.78 -19.75
C GLU C 115 1.02 18.47 -20.05
N LEU C 116 1.13 18.97 -21.31
CA LEU C 116 2.30 19.74 -21.70
C LEU C 116 1.96 21.29 -21.73
N HIS C 117 2.85 22.10 -21.19
CA HIS C 117 2.67 23.56 -21.21
C HIS C 117 3.80 24.14 -22.05
N ILE C 118 3.43 25.00 -22.94
CA ILE C 118 4.46 25.80 -23.69
C ILE C 118 4.27 27.26 -23.33
N VAL C 119 5.19 27.79 -22.52
CA VAL C 119 4.99 29.04 -21.80
C VAL C 119 5.60 30.13 -22.67
N HIS C 120 4.80 31.16 -22.92
CA HIS C 120 5.23 32.39 -23.71
C HIS C 120 5.04 33.64 -22.87
N TYR C 121 5.74 34.74 -23.21
CA TYR C 121 5.63 35.96 -22.49
C TYR C 121 5.36 37.05 -23.49
N ASN C 122 4.77 38.11 -23.01
CA ASN C 122 4.42 39.25 -23.88
C ASN C 122 5.66 40.12 -24.16
N SER C 123 6.25 39.84 -25.29
CA SER C 123 7.54 40.47 -25.61
C SER C 123 7.33 41.85 -26.19
N ASP C 124 6.11 42.20 -26.59
CA ASP C 124 5.82 43.61 -26.95
C ASP C 124 5.84 44.53 -25.75
N LEU C 125 5.50 44.04 -24.57
CA LEU C 125 5.50 44.84 -23.36
C LEU C 125 6.74 44.63 -22.49
N TYR C 126 7.30 43.44 -22.50
CA TYR C 126 8.27 43.08 -21.47
C TYR C 126 9.53 42.42 -22.04
N PRO C 127 10.69 42.57 -21.31
CA PRO C 127 11.91 42.12 -21.95
C PRO C 127 12.14 40.64 -21.83
N ASP C 128 11.50 40.01 -20.87
CA ASP C 128 11.82 38.58 -20.62
C ASP C 128 10.64 38.01 -19.82
N ALA C 129 10.59 36.70 -19.68
CA ALA C 129 9.48 36.01 -19.01
C ALA C 129 9.37 36.26 -17.50
N SER C 130 10.50 36.30 -16.84
N SER C 130 10.50 36.30 -16.83
CA SER C 130 10.50 36.60 -15.41
CA SER C 130 10.48 36.59 -15.40
C SER C 130 9.92 37.98 -15.13
C SER C 130 9.94 37.98 -15.12
N THR C 131 10.39 39.02 -15.85
CA THR C 131 9.75 40.38 -15.71
C THR C 131 8.22 40.37 -16.04
N ALA C 132 7.88 39.62 -17.08
CA ALA C 132 6.49 39.58 -17.53
C ALA C 132 5.55 38.83 -16.55
N SER C 133 6.12 37.91 -15.77
CA SER C 133 5.28 36.89 -15.06
C SER C 133 4.37 37.48 -14.04
N ASN C 134 4.76 38.58 -13.44
CA ASN C 134 3.87 39.23 -12.49
C ASN C 134 3.20 40.51 -12.96
N LYS C 135 3.06 40.72 -14.26
CA LYS C 135 2.64 41.92 -14.83
C LYS C 135 1.49 41.68 -15.74
N SER C 136 0.70 42.73 -15.94
CA SER C 136 -0.53 42.65 -16.70
C SER C 136 -0.28 42.06 -18.11
N GLU C 137 -1.14 41.12 -18.51
CA GLU C 137 -0.99 40.49 -19.84
C GLU C 137 0.36 39.87 -20.10
N GLY C 138 1.00 39.37 -19.04
CA GLY C 138 2.37 39.02 -19.14
C GLY C 138 2.62 37.71 -19.86
N LEU C 139 1.71 36.72 -19.73
CA LEU C 139 1.99 35.37 -20.19
C LEU C 139 0.89 34.76 -21.02
N ALA C 140 1.22 33.80 -21.88
CA ALA C 140 0.21 33.02 -22.63
C ALA C 140 0.76 31.62 -22.68
N VAL C 141 -0.06 30.62 -22.30
CA VAL C 141 0.38 29.23 -22.29
C VAL C 141 -0.43 28.47 -23.30
N LEU C 142 0.23 27.59 -24.04
CA LEU C 142 -0.45 26.65 -24.87
C LEU C 142 -0.44 25.30 -24.10
N ALA C 143 -1.62 24.72 -23.86
CA ALA C 143 -1.69 23.49 -23.09
C ALA C 143 -2.22 22.36 -23.97
N VAL C 144 -1.45 21.26 -23.91
CA VAL C 144 -1.81 20.04 -24.66
C VAL C 144 -2.11 18.88 -23.66
N LEU C 145 -3.32 18.33 -23.81
CA LEU C 145 -3.76 17.21 -22.94
C LEU C 145 -3.10 15.95 -23.59
N ILE C 146 -2.65 15.05 -22.72
CA ILE C 146 -1.82 13.82 -23.15
C ILE C 146 -2.60 12.63 -22.63
N GLU C 147 -2.89 11.69 -23.54
CA GLU C 147 -3.43 10.38 -23.16
C GLU C 147 -2.56 9.21 -23.67
N MET C 148 -2.75 8.07 -23.04
CA MET C 148 -2.04 6.88 -23.51
C MET C 148 -2.60 6.41 -24.84
N GLY C 149 -1.70 6.02 -25.74
CA GLY C 149 -2.16 5.35 -26.99
C GLY C 149 -0.89 4.96 -27.77
N SER C 150 -0.84 5.42 -29.02
CA SER C 150 0.29 5.16 -29.96
C SER C 150 1.59 5.80 -29.49
N PHE C 151 2.72 5.14 -29.75
CA PHE C 151 4.08 5.71 -29.51
C PHE C 151 4.21 7.04 -30.23
N ASN C 152 4.80 8.03 -29.55
CA ASN C 152 4.97 9.34 -30.16
C ASN C 152 6.41 9.76 -30.36
N PRO C 153 6.90 9.68 -31.62
CA PRO C 153 8.31 9.95 -31.83
C PRO C 153 8.72 11.39 -31.49
N SER C 154 7.76 12.33 -31.55
CA SER C 154 8.09 13.72 -31.26
C SER C 154 8.28 13.91 -29.78
N TYR C 155 7.39 13.32 -28.94
CA TYR C 155 7.57 13.40 -27.50
C TYR C 155 8.83 12.70 -27.09
N ASP C 156 9.22 11.68 -27.85
CA ASP C 156 10.43 10.96 -27.46
C ASP C 156 11.69 11.75 -27.63
N LYS C 157 11.64 12.88 -28.34
CA LYS C 157 12.83 13.74 -28.51
C LYS C 157 13.15 14.36 -27.19
N ILE C 158 12.11 14.53 -26.39
CA ILE C 158 12.35 14.96 -25.03
C ILE C 158 12.64 13.75 -24.12
N PHE C 159 11.75 12.78 -24.13
CA PHE C 159 11.73 11.71 -23.13
C PHE C 159 12.99 10.85 -23.17
N SER C 160 13.65 10.85 -24.34
CA SER C 160 14.85 10.00 -24.51
C SER C 160 16.03 10.60 -23.78
N HIS C 161 15.88 11.80 -23.17
CA HIS C 161 16.88 12.46 -22.31
C HIS C 161 16.65 12.47 -20.85
N LEU C 162 15.49 11.97 -20.41
CA LEU C 162 15.16 12.05 -18.98
C LEU C 162 16.19 11.43 -18.06
N GLN C 163 16.88 10.33 -18.47
CA GLN C 163 17.81 9.72 -17.52
C GLN C 163 19.11 10.57 -17.37
N HIS C 164 19.25 11.63 -18.14
CA HIS C 164 20.35 12.55 -17.91
C HIS C 164 20.09 13.63 -16.89
N VAL C 165 18.82 13.76 -16.49
CA VAL C 165 18.40 14.78 -15.56
C VAL C 165 17.61 14.21 -14.39
N LYS C 166 18.04 13.05 -13.90
CA LYS C 166 17.29 12.41 -12.87
C LYS C 166 17.13 13.18 -11.59
N TYR C 167 18.07 14.02 -11.26
CA TYR C 167 18.03 14.63 -9.96
C TYR C 167 17.83 16.11 -10.10
N LYS C 168 17.33 16.67 -8.99
CA LYS C 168 17.02 18.05 -8.94
C LYS C 168 18.26 18.83 -9.19
N GLY C 169 18.16 19.78 -10.10
CA GLY C 169 19.26 20.69 -10.36
C GLY C 169 20.06 20.25 -11.57
N GLN C 170 19.91 19.00 -12.01
CA GLN C 170 20.67 18.56 -13.13
C GLN C 170 20.18 19.05 -14.44
N GLU C 171 21.11 19.18 -15.36
CA GLU C 171 20.83 19.77 -16.68
C GLU C 171 21.44 18.95 -17.78
N ALA C 172 20.85 19.04 -18.96
CA ALA C 172 21.37 18.36 -20.14
C ALA C 172 20.87 19.05 -21.37
N PHE C 173 21.54 18.86 -22.49
CA PHE C 173 21.02 19.39 -23.76
C PHE C 173 20.20 18.37 -24.59
N VAL C 174 19.16 18.90 -25.21
CA VAL C 174 18.28 18.16 -26.15
C VAL C 174 18.50 18.84 -27.50
N PRO C 175 18.77 18.04 -28.58
CA PRO C 175 18.87 18.68 -29.91
C PRO C 175 17.53 19.29 -30.31
N GLY C 176 17.55 20.32 -31.14
CA GLY C 176 16.38 20.95 -31.70
C GLY C 176 15.53 19.96 -32.45
N PHE C 177 14.26 20.31 -32.54
CA PHE C 177 13.27 19.55 -33.39
C PHE C 177 12.09 20.54 -33.56
N ASN C 178 11.06 20.18 -34.32
CA ASN C 178 9.98 21.09 -34.58
C ASN C 178 8.94 20.95 -33.45
N ILE C 179 8.88 22.01 -32.61
CA ILE C 179 8.05 22.00 -31.41
C ILE C 179 6.61 21.87 -31.82
N GLU C 180 6.28 22.28 -33.02
CA GLU C 180 4.90 22.13 -33.50
C GLU C 180 4.44 20.66 -33.55
N GLU C 181 5.37 19.73 -33.65
CA GLU C 181 5.05 18.28 -33.61
C GLU C 181 4.43 17.84 -32.28
N LEU C 182 4.63 18.68 -31.24
CA LEU C 182 4.06 18.36 -29.93
C LEU C 182 2.61 18.72 -29.80
N LEU C 183 2.07 19.50 -30.78
CA LEU C 183 0.69 19.98 -30.78
C LEU C 183 -0.22 18.92 -31.37
N PRO C 184 -1.50 18.96 -30.97
CA PRO C 184 -2.48 17.97 -31.42
C PRO C 184 -3.05 18.29 -32.79
N GLU C 185 -3.91 17.39 -33.26
CA GLU C 185 -4.73 17.63 -34.43
C GLU C 185 -5.70 18.79 -34.21
N ARG C 186 -6.10 19.41 -35.33
N ARG C 186 -5.92 19.51 -35.31
CA ARG C 186 -7.01 20.56 -35.31
CA ARG C 186 -6.90 20.59 -35.33
C ARG C 186 -6.71 21.61 -34.23
C ARG C 186 -6.69 21.61 -34.23
N THR C 187 -5.51 22.17 -34.26
CA THR C 187 -5.19 23.25 -33.33
C THR C 187 -6.20 24.44 -33.36
N ALA C 188 -6.99 24.61 -34.43
CA ALA C 188 -7.99 25.64 -34.47
C ALA C 188 -9.15 25.48 -33.37
N GLU C 189 -9.23 24.28 -32.80
CA GLU C 189 -10.23 23.94 -31.80
C GLU C 189 -9.65 24.02 -30.40
N TYR C 190 -10.07 25.05 -29.66
CA TYR C 190 -9.47 25.21 -28.31
C TYR C 190 -10.39 25.94 -27.37
N TYR C 191 -10.07 25.78 -26.05
CA TYR C 191 -10.68 26.54 -24.95
C TYR C 191 -9.79 27.74 -24.64
N ARG C 192 -10.43 28.86 -24.27
CA ARG C 192 -9.64 30.02 -23.91
C ARG C 192 -10.21 30.64 -22.62
N TYR C 193 -9.31 30.96 -21.68
CA TYR C 193 -9.79 31.75 -20.54
C TYR C 193 -8.62 32.49 -19.90
N ARG C 194 -8.93 33.51 -19.11
CA ARG C 194 -7.85 34.21 -18.41
C ARG C 194 -7.67 33.53 -17.06
N GLY C 195 -6.44 33.18 -16.76
CA GLY C 195 -6.11 32.51 -15.46
C GLY C 195 -4.77 32.84 -14.96
N SER C 196 -4.14 31.84 -14.32
CA SER C 196 -2.89 32.09 -13.57
C SER C 196 -1.83 31.07 -13.96
N LEU C 197 -0.62 31.34 -13.50
CA LEU C 197 0.34 30.23 -13.43
C LEU C 197 -0.26 29.13 -12.51
N THR C 198 0.00 27.89 -12.85
CA THR C 198 -0.46 26.82 -11.93
C THR C 198 0.58 26.38 -10.90
N THR C 199 1.74 27.05 -10.95
CA THR C 199 2.82 26.90 -9.96
C THR C 199 3.03 28.23 -9.29
N PRO C 200 3.71 28.23 -8.15
CA PRO C 200 4.13 29.51 -7.56
C PRO C 200 4.95 30.28 -8.58
N PRO C 201 4.81 31.58 -8.61
CA PRO C 201 4.04 32.42 -7.67
C PRO C 201 2.53 32.62 -7.96
N CYS C 202 2.03 31.83 -8.93
CA CYS C 202 0.57 31.75 -9.21
C CYS C 202 -0.03 33.05 -9.71
N ASN C 203 0.78 33.94 -10.37
CA ASN C 203 0.28 35.26 -10.73
C ASN C 203 -0.90 35.09 -11.72
N PRO C 204 -1.89 35.95 -11.61
CA PRO C 204 -3.13 35.84 -12.42
C PRO C 204 -2.90 36.57 -13.75
N THR C 205 -1.86 36.15 -14.45
CA THR C 205 -1.32 36.91 -15.60
C THR C 205 -1.25 36.03 -16.89
N VAL C 206 -1.93 34.85 -16.90
CA VAL C 206 -1.83 33.91 -18.00
C VAL C 206 -3.06 33.89 -18.86
N LEU C 207 -2.91 34.10 -20.17
CA LEU C 207 -3.97 33.81 -21.12
C LEU C 207 -3.83 32.36 -21.50
N TRP C 208 -4.80 31.54 -21.10
CA TRP C 208 -4.73 30.06 -21.38
C TRP C 208 -5.36 29.71 -22.67
N THR C 209 -4.71 28.82 -23.44
CA THR C 209 -5.24 28.16 -24.60
C THR C 209 -5.06 26.70 -24.39
N VAL C 210 -6.18 25.99 -24.21
CA VAL C 210 -6.09 24.53 -23.98
C VAL C 210 -6.64 23.90 -25.22
N PHE C 211 -5.81 23.12 -25.92
CA PHE C 211 -6.41 22.58 -27.13
C PHE C 211 -7.51 21.53 -26.87
N ARG C 212 -8.49 21.46 -27.73
CA ARG C 212 -9.68 20.62 -27.52
C ARG C 212 -9.24 19.11 -27.64
N ASN C 213 -8.35 18.78 -28.60
CA ASN C 213 -7.96 17.36 -28.87
C ASN C 213 -6.65 16.97 -28.21
N PRO C 214 -6.59 15.82 -27.51
CA PRO C 214 -5.38 15.36 -26.87
C PRO C 214 -4.39 14.80 -27.86
N VAL C 215 -3.13 14.71 -27.45
CA VAL C 215 -2.13 13.83 -28.13
C VAL C 215 -2.00 12.50 -27.39
N GLN C 216 -1.36 11.54 -28.06
CA GLN C 216 -1.04 10.21 -27.54
C GLN C 216 0.43 9.98 -27.38
N ILE C 217 0.81 9.30 -26.31
CA ILE C 217 2.11 8.75 -26.05
C ILE C 217 1.90 7.26 -25.62
N SER C 218 2.91 6.42 -25.88
CA SER C 218 2.70 5.03 -25.50
C SER C 218 2.66 4.89 -23.97
N GLN C 219 2.12 3.74 -23.56
CA GLN C 219 2.27 3.24 -22.22
C GLN C 219 3.68 3.29 -21.69
N GLU C 220 4.66 2.91 -22.53
CA GLU C 220 6.03 2.90 -22.08
C GLU C 220 6.59 4.29 -21.86
N GLN C 221 6.27 5.17 -22.79
CA GLN C 221 6.62 6.61 -22.71
C GLN C 221 6.03 7.32 -21.48
N LEU C 222 4.74 7.05 -21.24
CA LEU C 222 4.15 7.52 -19.96
C LEU C 222 4.78 7.01 -18.70
N LEU C 223 5.01 5.66 -18.60
CA LEU C 223 5.82 5.08 -17.50
C LEU C 223 7.20 5.69 -17.30
N ALA C 224 7.92 5.88 -18.41
CA ALA C 224 9.27 6.56 -18.35
C ALA C 224 9.13 7.90 -17.71
N LEU C 225 8.14 8.67 -18.20
CA LEU C 225 7.98 10.05 -17.67
C LEU C 225 7.66 10.02 -16.22
N GLU C 226 6.77 9.08 -15.82
CA GLU C 226 6.39 9.01 -14.40
C GLU C 226 7.43 8.42 -13.45
N THR C 227 8.45 7.81 -14.02
CA THR C 227 9.38 7.02 -13.19
C THR C 227 10.85 7.45 -13.35
N ALA C 228 11.12 8.42 -14.22
CA ALA C 228 12.50 8.73 -14.54
C ALA C 228 13.13 9.69 -13.57
N LEU C 229 12.35 10.60 -12.92
CA LEU C 229 12.95 11.69 -12.17
C LEU C 229 12.70 11.66 -10.69
N TYR C 230 13.63 12.20 -9.98
CA TYR C 230 13.44 12.49 -8.62
C TYR C 230 13.26 13.96 -8.46
N CYS C 231 12.63 14.36 -7.38
N CYS C 231 12.64 14.32 -7.35
CA CYS C 231 12.60 15.78 -7.11
CA CYS C 231 12.47 15.69 -7.02
C CYS C 231 13.89 16.23 -6.47
C CYS C 231 13.52 16.16 -5.97
N THR C 232 14.52 15.32 -5.71
CA THR C 232 15.58 15.61 -4.73
C THR C 232 16.94 15.71 -5.44
N HIS C 233 17.93 16.30 -4.71
CA HIS C 233 19.35 16.37 -5.23
C HIS C 233 19.98 15.01 -5.19
N MET C 234 20.93 14.80 -6.10
CA MET C 234 21.76 13.55 -6.18
C MET C 234 22.35 13.08 -4.81
N ASP C 235 22.85 14.02 -4.01
CA ASP C 235 23.39 13.69 -2.71
C ASP C 235 22.38 13.06 -1.74
N ASP C 236 21.12 13.52 -1.78
CA ASP C 236 20.07 13.16 -0.79
C ASP C 236 19.98 11.63 -0.44
N PRO C 237 20.33 11.24 0.82
CA PRO C 237 20.13 9.82 1.18
C PRO C 237 18.63 9.46 1.35
N SER C 238 17.76 10.46 1.16
CA SER C 238 16.32 10.32 1.31
C SER C 238 15.59 10.67 -0.01
N PRO C 239 15.88 9.93 -1.10
CA PRO C 239 15.31 10.37 -2.35
C PRO C 239 13.80 10.27 -2.50
N ARG C 240 13.27 11.12 -3.37
N ARG C 240 13.25 11.12 -3.37
CA ARG C 240 11.83 11.16 -3.59
CA ARG C 240 11.80 11.16 -3.56
C ARG C 240 11.51 11.27 -5.07
C ARG C 240 11.48 11.31 -5.05
N GLU C 241 10.57 10.45 -5.52
CA GLU C 241 10.17 10.37 -6.89
C GLU C 241 9.45 11.71 -7.30
N MET C 242 9.77 12.19 -8.50
CA MET C 242 8.99 13.35 -9.12
C MET C 242 7.72 12.78 -9.82
N ILE C 243 6.65 12.80 -9.06
CA ILE C 243 5.35 12.25 -9.45
C ILE C 243 4.27 13.24 -8.92
N ASN C 244 3.12 13.13 -9.56
CA ASN C 244 1.88 13.90 -9.15
C ASN C 244 2.17 15.41 -9.07
N ASN C 245 2.93 15.86 -10.06
CA ASN C 245 3.33 17.28 -10.06
C ASN C 245 2.35 18.16 -10.81
N PHE C 246 1.08 18.06 -10.39
CA PHE C 246 0.02 18.87 -10.97
C PHE C 246 -0.72 19.48 -9.84
N ARG C 247 -1.32 20.64 -10.10
CA ARG C 247 -2.15 21.29 -9.10
C ARG C 247 -3.61 20.77 -9.24
N GLN C 248 -4.29 20.64 -8.08
CA GLN C 248 -5.71 20.36 -8.09
C GLN C 248 -6.48 21.48 -8.78
N VAL C 249 -7.63 21.15 -9.38
CA VAL C 249 -8.49 22.16 -10.01
C VAL C 249 -9.00 23.19 -8.99
N GLN C 250 -9.18 24.40 -9.43
CA GLN C 250 -9.61 25.49 -8.59
C GLN C 250 -11.05 25.77 -8.84
N LYS C 251 -11.71 26.39 -7.82
CA LYS C 251 -13.11 26.87 -8.06
C LYS C 251 -13.10 27.90 -9.19
N PHE C 252 -14.23 28.08 -9.87
N PHE C 252 -14.13 27.83 -10.03
CA PHE C 252 -14.33 28.92 -11.07
CA PHE C 252 -14.27 28.79 -11.14
C PHE C 252 -15.58 29.86 -11.11
C PHE C 252 -15.79 29.05 -11.22
N ASP C 253 -16.42 29.76 -10.10
N ASP C 253 -16.20 30.15 -10.61
CA ASP C 253 -17.56 30.72 -9.88
CA ASP C 253 -17.64 30.41 -10.36
C ASP C 253 -17.99 31.83 -10.92
C ASP C 253 -18.02 31.75 -10.94
N GLU C 254 -19.17 31.68 -11.54
CA GLU C 254 -19.76 32.78 -12.30
C GLU C 254 -18.83 33.30 -13.42
N ARG C 255 -18.08 32.36 -14.01
CA ARG C 255 -17.20 32.68 -15.16
C ARG C 255 -17.40 31.68 -16.29
N LEU C 256 -16.94 32.12 -17.49
CA LEU C 256 -17.08 31.29 -18.67
C LEU C 256 -15.69 30.85 -19.19
N VAL C 257 -15.67 29.70 -19.87
CA VAL C 257 -14.54 29.37 -20.73
C VAL C 257 -15.04 29.52 -22.12
N TYR C 258 -14.29 30.25 -22.94
CA TYR C 258 -14.72 30.58 -24.33
C TYR C 258 -14.14 29.50 -25.24
N THR C 259 -14.89 29.11 -26.29
CA THR C 259 -14.43 28.07 -27.12
C THR C 259 -14.44 28.53 -28.58
N SER C 260 -13.41 28.03 -29.32
CA SER C 260 -13.30 28.46 -30.74
C SER C 260 -14.25 27.62 -31.54
N PHE C 261 -14.88 26.64 -30.91
CA PHE C 261 -15.67 25.65 -31.61
C PHE C 261 -17.05 25.72 -31.06
N SER C 262 -18.03 25.46 -31.89
CA SER C 262 -19.33 25.33 -31.26
C SER C 262 -19.76 23.89 -30.99
N GLN C 263 -19.68 23.12 -32.05
CA GLN C 263 -20.33 21.83 -32.07
C GLN C 263 -19.37 20.69 -31.63
N LYS D 3 -11.73 33.79 10.79
CA LYS D 3 -12.73 34.32 9.85
C LYS D 3 -12.60 33.58 8.49
N TRP D 4 -12.29 32.26 8.56
CA TRP D 4 -12.06 31.51 7.33
C TRP D 4 -13.37 31.47 6.57
N THR D 5 -13.22 31.37 5.24
CA THR D 5 -14.37 31.36 4.34
C THR D 5 -14.08 30.33 3.22
N TYR D 6 -15.02 30.26 2.26
CA TYR D 6 -14.83 29.53 1.03
C TYR D 6 -14.60 30.33 -0.22
N PHE D 7 -14.53 31.65 -0.04
CA PHE D 7 -14.44 32.55 -1.19
C PHE D 7 -13.59 33.77 -0.84
N GLY D 8 -12.56 34.06 -1.65
CA GLY D 8 -11.85 35.38 -1.49
C GLY D 8 -10.62 35.17 -0.66
N PRO D 9 -10.11 36.21 -0.05
CA PRO D 9 -8.78 36.10 0.50
C PRO D 9 -8.62 35.17 1.67
N ASP D 10 -9.71 34.81 2.38
CA ASP D 10 -9.70 33.87 3.50
C ASP D 10 -10.24 32.47 3.09
N GLY D 11 -10.31 32.27 1.78
CA GLY D 11 -10.77 31.01 1.19
C GLY D 11 -9.76 29.88 1.28
N GLU D 12 -10.08 28.73 0.69
CA GLU D 12 -9.41 27.51 1.05
C GLU D 12 -7.96 27.42 0.76
N ASN D 13 -7.46 28.13 -0.25
CA ASN D 13 -6.03 28.11 -0.52
C ASN D 13 -5.21 28.90 0.53
N SER D 14 -5.90 29.63 1.39
CA SER D 14 -5.26 30.45 2.47
C SER D 14 -5.49 29.81 3.80
N TRP D 15 -6.30 28.75 3.95
CA TRP D 15 -6.51 28.23 5.32
C TRP D 15 -5.25 27.82 6.01
N SER D 16 -4.30 27.28 5.26
CA SER D 16 -3.04 26.79 5.94
C SER D 16 -2.24 27.96 6.55
N LYS D 17 -2.55 29.20 6.22
CA LYS D 17 -1.78 30.30 6.84
C LYS D 17 -2.13 30.37 8.29
N LYS D 18 -3.33 30.01 8.72
CA LYS D 18 -3.75 30.02 10.16
C LYS D 18 -3.94 28.63 10.76
N TYR D 19 -4.07 27.61 9.90
CA TYR D 19 -4.46 26.26 10.37
C TYR D 19 -3.49 25.32 9.71
N PRO D 20 -2.31 25.04 10.29
CA PRO D 20 -1.31 24.29 9.57
C PRO D 20 -1.70 22.90 9.09
N SER D 21 -2.64 22.23 9.78
CA SER D 21 -3.00 20.90 9.25
C SER D 21 -3.72 20.98 7.91
N CYS D 22 -4.31 22.13 7.58
CA CYS D 22 -4.92 22.29 6.25
C CYS D 22 -3.88 22.23 5.14
N GLY D 23 -2.57 22.39 5.46
CA GLY D 23 -1.48 22.18 4.50
C GLY D 23 -0.66 20.93 4.79
N GLY D 24 -1.17 20.06 5.61
CA GLY D 24 -0.49 18.77 5.91
C GLY D 24 -1.01 17.60 5.13
N LEU D 25 -0.64 16.44 5.59
CA LEU D 25 -1.00 15.25 4.89
C LEU D 25 -2.44 14.76 5.21
N LEU D 26 -2.89 13.83 4.35
CA LEU D 26 -4.13 13.02 4.63
C LEU D 26 -5.39 13.84 4.67
N GLN D 27 -5.47 14.79 3.72
CA GLN D 27 -6.63 15.75 3.74
C GLN D 27 -7.84 15.21 3.02
N SER D 28 -8.98 15.70 3.41
CA SER D 28 -10.27 15.37 2.76
C SER D 28 -10.87 16.65 2.28
N PRO D 29 -11.79 16.62 1.32
CA PRO D 29 -12.31 15.39 0.63
C PRO D 29 -11.42 14.93 -0.50
N ILE D 30 -11.84 13.82 -1.14
CA ILE D 30 -11.09 13.22 -2.28
C ILE D 30 -12.09 12.82 -3.32
N ASP D 31 -11.51 12.57 -4.50
CA ASP D 31 -12.27 11.99 -5.63
C ASP D 31 -12.19 10.48 -5.56
N LEU D 32 -13.36 9.85 -5.62
CA LEU D 32 -13.43 8.39 -5.43
C LEU D 32 -13.45 7.82 -6.86
N HIS D 33 -12.33 7.22 -7.33
CA HIS D 33 -12.26 6.74 -8.69
C HIS D 33 -11.52 5.42 -8.74
N SER D 34 -11.80 4.70 -9.85
CA SER D 34 -11.41 3.22 -9.89
C SER D 34 -9.96 2.96 -9.56
N ASP D 35 -9.00 3.79 -10.01
CA ASP D 35 -7.61 3.39 -9.89
C ASP D 35 -7.16 3.29 -8.45
N ILE D 36 -7.88 4.01 -7.55
CA ILE D 36 -7.48 4.08 -6.12
C ILE D 36 -8.39 3.29 -5.22
N LEU D 37 -9.33 2.51 -5.79
CA LEU D 37 -10.28 1.69 -4.99
C LEU D 37 -9.78 0.31 -4.81
N GLN D 38 -9.90 -0.22 -3.59
CA GLN D 38 -9.49 -1.60 -3.38
C GLN D 38 -10.50 -2.26 -2.46
N TYR D 39 -11.02 -3.42 -2.87
CA TYR D 39 -11.98 -4.14 -2.04
C TYR D 39 -11.29 -4.68 -0.77
N ASP D 40 -11.97 -4.54 0.38
CA ASP D 40 -11.39 -5.02 1.66
C ASP D 40 -12.45 -5.76 2.32
N ALA D 41 -12.25 -7.11 2.46
CA ALA D 41 -13.25 -7.98 3.18
C ALA D 41 -13.42 -7.72 4.68
N SER D 42 -12.54 -6.90 5.22
CA SER D 42 -12.63 -6.52 6.65
C SER D 42 -13.75 -5.50 6.90
N LEU D 43 -14.28 -4.88 5.82
CA LEU D 43 -15.25 -3.79 5.95
C LEU D 43 -16.60 -4.34 6.05
N THR D 44 -16.93 -4.71 7.31
CA THR D 44 -18.19 -5.32 7.60
C THR D 44 -19.29 -4.25 7.85
N PRO D 45 -20.57 -4.61 7.96
CA PRO D 45 -21.67 -3.59 8.00
C PRO D 45 -21.64 -2.81 9.35
N LEU D 46 -21.80 -1.51 9.27
CA LEU D 46 -21.97 -0.74 10.51
C LEU D 46 -23.35 -0.88 11.02
N GLU D 47 -23.46 -0.72 12.34
CA GLU D 47 -24.73 -0.65 12.97
C GLU D 47 -24.93 0.78 13.58
N PHE D 48 -26.17 1.24 13.36
CA PHE D 48 -26.58 2.62 13.78
C PHE D 48 -27.50 2.48 14.95
N GLN D 49 -26.96 2.89 16.10
CA GLN D 49 -27.62 2.66 17.39
C GLN D 49 -28.07 3.99 17.94
N GLY D 50 -29.30 4.02 18.39
CA GLY D 50 -29.82 5.19 19.01
C GLY D 50 -30.10 6.36 18.05
N TYR D 51 -30.18 5.99 16.79
CA TYR D 51 -30.50 7.03 15.70
C TYR D 51 -31.97 7.46 15.64
N ASN D 52 -32.89 6.68 16.27
CA ASN D 52 -34.25 7.00 16.21
C ASN D 52 -34.63 7.91 17.34
N LEU D 53 -34.48 9.22 17.13
CA LEU D 53 -34.66 10.25 18.18
C LEU D 53 -36.17 10.47 18.43
N SER D 54 -36.50 10.65 19.69
CA SER D 54 -37.91 10.82 20.01
C SER D 54 -38.46 12.13 19.42
N ALA D 55 -39.63 12.03 18.82
CA ALA D 55 -40.36 13.19 18.32
C ALA D 55 -40.77 14.08 19.46
N ASN D 56 -40.76 13.62 20.72
CA ASN D 56 -41.02 14.48 21.86
C ASN D 56 -39.82 15.19 22.51
N LYS D 57 -38.66 14.94 21.93
N LYS D 57 -38.63 14.92 21.99
CA LYS D 57 -37.44 15.58 22.35
CA LYS D 57 -37.48 15.68 22.43
C LYS D 57 -37.05 16.55 21.24
C LYS D 57 -37.17 16.64 21.30
N GLN D 58 -36.22 17.52 21.58
CA GLN D 58 -35.88 18.52 20.57
C GLN D 58 -34.38 18.72 20.59
N PHE D 59 -33.87 19.06 19.40
CA PHE D 59 -32.41 19.08 19.09
C PHE D 59 -32.09 20.40 18.50
N LEU D 60 -30.93 20.97 18.87
CA LEU D 60 -30.59 22.36 18.52
C LEU D 60 -29.98 22.44 17.14
N LEU D 61 -30.62 23.25 16.33
CA LEU D 61 -30.12 23.61 14.97
C LEU D 61 -29.46 24.98 15.05
N THR D 62 -28.25 25.10 14.48
CA THR D 62 -27.56 26.39 14.60
C THR D 62 -26.86 26.71 13.24
N ASN D 63 -26.89 27.97 12.92
CA ASN D 63 -26.01 28.50 11.85
C ASN D 63 -24.70 28.91 12.43
N ASN D 64 -23.63 28.24 12.09
CA ASN D 64 -22.35 28.50 12.76
C ASN D 64 -21.44 29.47 11.93
N GLY D 65 -22.04 30.04 10.89
CA GLY D 65 -21.26 30.89 9.99
C GLY D 65 -20.66 30.14 8.80
N HIS D 66 -20.68 28.81 8.85
CA HIS D 66 -20.02 28.02 7.78
C HIS D 66 -20.91 26.95 7.21
N SER D 67 -21.86 26.47 8.01
CA SER D 67 -22.87 25.49 7.57
C SER D 67 -24.06 25.65 8.50
N VAL D 68 -25.01 24.74 8.34
CA VAL D 68 -26.14 24.59 9.30
C VAL D 68 -25.86 23.25 9.97
N LYS D 69 -25.94 23.28 11.31
CA LYS D 69 -25.64 22.08 12.06
C LYS D 69 -26.73 21.71 13.05
N LEU D 70 -27.03 20.43 13.16
CA LEU D 70 -27.97 19.89 14.12
C LEU D 70 -27.12 19.13 15.16
N ASN D 71 -27.31 19.55 16.41
CA ASN D 71 -26.67 18.81 17.50
C ASN D 71 -27.35 17.46 17.75
N LEU D 72 -26.55 16.47 18.05
CA LEU D 72 -27.03 15.13 18.25
C LEU D 72 -26.57 14.58 19.64
N PRO D 73 -27.35 13.68 20.22
CA PRO D 73 -27.07 13.15 21.58
C PRO D 73 -26.01 12.06 21.58
N SER D 74 -25.20 12.00 22.65
CA SER D 74 -24.07 11.08 22.63
C SER D 74 -24.50 9.62 22.81
N ASP D 75 -25.75 9.40 23.14
CA ASP D 75 -26.25 8.05 23.16
C ASP D 75 -26.43 7.43 21.78
N MET D 76 -26.47 8.28 20.76
CA MET D 76 -26.55 7.83 19.40
C MET D 76 -25.10 7.45 19.01
N HIS D 77 -24.93 6.24 18.47
CA HIS D 77 -23.56 5.79 18.17
C HIS D 77 -23.44 4.86 17.04
N ILE D 78 -22.24 4.72 16.51
CA ILE D 78 -21.92 3.67 15.54
C ILE D 78 -21.20 2.51 16.23
N GLN D 79 -21.54 1.34 15.76
CA GLN D 79 -20.86 0.09 16.12
C GLN D 79 -20.24 -0.57 14.92
N GLY D 80 -19.05 -1.15 15.07
CA GLY D 80 -18.42 -1.75 13.90
C GLY D 80 -17.02 -1.34 13.67
N LEU D 81 -16.61 -0.16 14.18
CA LEU D 81 -15.31 0.34 13.90
C LEU D 81 -14.36 -0.16 15.02
N GLN D 82 -13.10 0.28 15.05
CA GLN D 82 -12.15 -0.22 16.06
C GLN D 82 -12.50 0.26 17.48
N SER D 83 -13.39 1.25 17.61
CA SER D 83 -13.80 1.86 18.93
C SER D 83 -15.27 2.28 18.81
N ARG D 84 -16.03 2.49 19.87
CA ARG D 84 -17.34 3.12 19.78
C ARG D 84 -17.12 4.63 19.44
N TYR D 85 -17.85 5.06 18.41
CA TYR D 85 -17.93 6.47 18.08
C TYR D 85 -19.34 6.93 18.33
N SER D 86 -19.43 8.01 19.11
CA SER D 86 -20.70 8.55 19.51
C SER D 86 -20.99 9.87 18.69
N ALA D 87 -22.26 10.02 18.39
CA ALA D 87 -22.63 11.21 17.56
C ALA D 87 -22.41 12.51 18.31
N THR D 88 -22.12 13.58 17.54
CA THR D 88 -22.05 14.93 18.07
C THR D 88 -22.90 15.93 17.28
N GLN D 89 -22.87 15.83 15.93
CA GLN D 89 -23.66 16.78 15.16
C GLN D 89 -23.69 16.29 13.72
N LEU D 90 -24.72 16.76 12.98
CA LEU D 90 -24.69 16.64 11.51
C LEU D 90 -24.78 18.05 10.85
N HIS D 91 -24.27 18.11 9.63
CA HIS D 91 -24.35 19.35 8.88
C HIS D 91 -24.23 18.99 7.42
N LEU D 92 -24.32 20.04 6.59
CA LEU D 92 -24.33 19.87 5.13
C LEU D 92 -23.31 20.80 4.44
N HIS D 93 -23.07 20.41 3.20
CA HIS D 93 -22.24 21.28 2.24
C HIS D 93 -22.94 21.31 0.96
N TRP D 94 -22.93 22.45 0.30
CA TRP D 94 -23.78 22.65 -0.95
C TRP D 94 -23.12 23.73 -1.82
N GLY D 95 -23.76 23.84 -3.00
CA GLY D 95 -23.28 24.77 -4.07
C GLY D 95 -24.06 26.08 -4.06
N ASN D 96 -24.69 26.37 -5.23
CA ASN D 96 -25.47 27.65 -5.25
C ASN D 96 -26.51 27.46 -6.36
N PRO D 97 -27.47 28.41 -6.45
CA PRO D 97 -28.53 28.19 -7.42
C PRO D 97 -28.04 28.03 -8.86
N ASN D 98 -26.93 28.67 -9.22
CA ASN D 98 -26.42 28.59 -10.58
C ASN D 98 -25.47 27.42 -10.78
N ASP D 99 -25.13 26.70 -9.71
CA ASP D 99 -24.25 25.55 -9.90
C ASP D 99 -24.58 24.62 -8.70
N PRO D 100 -25.64 23.85 -8.77
CA PRO D 100 -26.09 22.99 -7.65
C PRO D 100 -25.26 21.70 -7.65
N HIS D 101 -23.96 21.85 -7.46
CA HIS D 101 -22.98 20.73 -7.52
C HIS D 101 -21.91 20.91 -6.47
N GLY D 102 -22.35 20.91 -5.22
CA GLY D 102 -21.53 21.27 -4.08
C GLY D 102 -21.23 20.15 -3.12
N SER D 103 -21.29 18.89 -3.55
CA SER D 103 -20.79 17.85 -2.64
C SER D 103 -19.25 18.07 -2.46
N GLU D 104 -18.70 17.52 -1.35
CA GLU D 104 -17.28 17.60 -1.12
C GLU D 104 -16.57 16.46 -1.80
N HIS D 105 -16.93 15.21 -1.48
CA HIS D 105 -16.43 14.05 -2.22
C HIS D 105 -17.04 14.08 -3.58
N THR D 106 -16.22 13.61 -4.53
CA THR D 106 -16.68 13.42 -5.94
C THR D 106 -16.53 11.94 -6.30
N VAL D 107 -17.27 11.51 -7.33
CA VAL D 107 -17.20 10.10 -7.76
C VAL D 107 -16.88 10.20 -9.24
N SER D 108 -15.74 9.62 -9.56
CA SER D 108 -15.21 9.58 -10.97
C SER D 108 -15.26 11.02 -11.52
N GLY D 109 -14.78 11.96 -10.71
CA GLY D 109 -14.68 13.36 -11.11
C GLY D 109 -15.97 14.23 -11.04
N GLN D 110 -17.10 13.65 -10.65
N GLN D 110 -17.09 13.67 -10.64
CA GLN D 110 -18.42 14.30 -10.71
CA GLN D 110 -18.36 14.38 -10.70
C GLN D 110 -18.87 14.71 -9.29
C GLN D 110 -18.83 14.72 -9.28
N HIS D 111 -19.22 15.98 -9.10
CA HIS D 111 -19.95 16.38 -7.89
C HIS D 111 -21.35 15.92 -7.88
N PHE D 112 -21.81 15.57 -6.71
CA PHE D 112 -23.24 15.44 -6.44
C PHE D 112 -23.73 16.86 -6.02
N ALA D 113 -25.05 17.02 -5.86
CA ALA D 113 -25.63 18.34 -5.51
C ALA D 113 -25.18 18.85 -4.14
N ALA D 114 -25.12 17.96 -3.18
CA ALA D 114 -24.78 18.42 -1.81
C ALA D 114 -24.28 17.16 -1.09
N GLU D 115 -23.94 17.36 0.19
CA GLU D 115 -23.39 16.20 0.99
C GLU D 115 -23.78 16.43 2.47
N LEU D 116 -24.21 15.34 3.11
CA LEU D 116 -24.47 15.32 4.58
C LEU D 116 -23.34 14.66 5.32
N HIS D 117 -22.85 15.33 6.38
CA HIS D 117 -21.86 14.68 7.29
C HIS D 117 -22.45 14.50 8.65
N ILE D 118 -22.47 13.23 9.06
CA ILE D 118 -22.86 12.96 10.47
C ILE D 118 -21.62 12.69 11.26
N VAL D 119 -21.21 13.67 12.10
CA VAL D 119 -19.91 13.56 12.78
C VAL D 119 -20.07 12.86 14.15
N HIS D 120 -19.13 11.94 14.37
CA HIS D 120 -19.01 11.18 15.63
C HIS D 120 -17.63 11.30 16.16
N TYR D 121 -17.51 11.15 17.52
CA TYR D 121 -16.20 11.19 18.14
C TYR D 121 -15.94 9.86 18.91
N ASN D 122 -14.65 9.59 19.10
CA ASN D 122 -14.18 8.34 19.78
C ASN D 122 -14.44 8.54 21.29
N SER D 123 -15.61 8.05 21.72
CA SER D 123 -15.99 8.16 23.14
C SER D 123 -15.27 7.09 23.98
N ASP D 124 -14.57 6.14 23.37
CA ASP D 124 -13.76 5.18 24.18
C ASP D 124 -12.53 5.94 24.67
N LEU D 125 -12.02 6.87 23.91
CA LEU D 125 -10.74 7.55 24.18
C LEU D 125 -10.93 8.95 24.75
N TYR D 126 -11.98 9.64 24.31
CA TYR D 126 -12.16 11.06 24.57
C TYR D 126 -13.48 11.42 25.19
N PRO D 127 -13.47 12.51 26.01
CA PRO D 127 -14.68 12.81 26.76
C PRO D 127 -15.68 13.59 26.02
N ASP D 128 -15.33 14.18 24.89
CA ASP D 128 -16.20 14.96 24.08
C ASP D 128 -15.59 15.25 22.71
N ALA D 129 -16.36 15.73 21.75
CA ALA D 129 -15.95 15.85 20.42
C ALA D 129 -14.85 16.91 20.15
N SER D 130 -14.99 18.07 20.83
CA SER D 130 -13.96 19.10 20.65
C SER D 130 -12.59 18.55 21.15
N THR D 131 -12.57 17.89 22.29
CA THR D 131 -11.30 17.29 22.75
C THR D 131 -10.77 16.29 21.73
N ALA D 132 -11.68 15.50 21.20
CA ALA D 132 -11.32 14.44 20.29
C ALA D 132 -10.75 14.91 18.94
N SER D 133 -11.21 16.12 18.53
CA SER D 133 -11.06 16.60 17.17
C SER D 133 -9.63 16.70 16.64
N ASN D 134 -8.64 16.99 17.54
CA ASN D 134 -7.24 17.10 17.14
C ASN D 134 -6.38 15.98 17.65
N LYS D 135 -7.03 14.86 17.97
CA LYS D 135 -6.31 13.74 18.59
C LYS D 135 -6.46 12.45 17.78
N SER D 136 -5.50 11.57 18.03
CA SER D 136 -5.42 10.29 17.28
C SER D 136 -6.74 9.53 17.31
N GLU D 137 -7.18 9.02 16.13
CA GLU D 137 -8.43 8.28 16.08
C GLU D 137 -9.68 9.03 16.60
N GLY D 138 -9.64 10.38 16.60
CA GLY D 138 -10.64 11.05 17.29
C GLY D 138 -12.04 11.04 16.73
N LEU D 139 -12.15 11.00 15.38
CA LEU D 139 -13.52 11.28 14.77
C LEU D 139 -13.82 10.23 13.70
N ALA D 140 -15.12 10.04 13.49
CA ALA D 140 -15.55 9.22 12.34
C ALA D 140 -16.74 9.93 11.77
N VAL D 141 -16.75 10.12 10.45
CA VAL D 141 -17.87 10.74 9.79
C VAL D 141 -18.58 9.76 8.88
N LEU D 142 -19.91 9.82 8.87
CA LEU D 142 -20.68 9.15 7.85
C LEU D 142 -21.05 10.25 6.85
N ALA D 143 -20.71 9.99 5.59
CA ALA D 143 -21.00 10.99 4.52
C ALA D 143 -22.03 10.36 3.55
N VAL D 144 -23.04 11.19 3.33
CA VAL D 144 -24.15 10.84 2.38
C VAL D 144 -24.10 11.81 1.21
N LEU D 145 -23.88 11.25 0.02
CA LEU D 145 -23.90 12.06 -1.21
C LEU D 145 -25.35 12.32 -1.55
N ILE D 146 -25.69 13.55 -1.92
CA ILE D 146 -27.08 13.98 -2.15
C ILE D 146 -27.25 14.43 -3.63
N GLU D 147 -28.13 13.77 -4.38
N GLU D 147 -28.19 13.77 -4.30
CA GLU D 147 -28.31 14.06 -5.82
CA GLU D 147 -28.50 14.05 -5.67
C GLU D 147 -29.66 14.75 -5.94
C GLU D 147 -29.76 14.91 -5.81
N MET D 148 -29.79 15.77 -6.83
CA MET D 148 -31.10 16.39 -7.19
C MET D 148 -32.05 15.32 -7.78
N GLY D 149 -33.17 15.26 -7.11
CA GLY D 149 -34.16 14.22 -7.43
C GLY D 149 -35.53 14.48 -6.84
N SER D 150 -36.11 13.46 -6.22
CA SER D 150 -37.44 13.58 -5.56
C SER D 150 -37.34 14.33 -4.24
N PHE D 151 -38.46 15.02 -3.93
CA PHE D 151 -38.67 15.57 -2.61
C PHE D 151 -38.39 14.50 -1.52
N ASN D 152 -37.71 14.93 -0.46
CA ASN D 152 -37.33 14.03 0.58
C ASN D 152 -37.90 14.51 1.92
N PRO D 153 -39.01 13.86 2.36
CA PRO D 153 -39.64 14.38 3.59
C PRO D 153 -38.79 14.25 4.82
N SER D 154 -37.84 13.33 4.82
CA SER D 154 -37.00 13.23 6.02
C SER D 154 -35.99 14.38 6.06
N TYR D 155 -35.29 14.67 4.92
CA TYR D 155 -34.40 15.85 4.94
C TYR D 155 -35.22 17.12 5.19
N ASP D 156 -36.50 17.17 4.77
CA ASP D 156 -37.29 18.36 5.05
C ASP D 156 -37.54 18.62 6.57
N LYS D 157 -37.39 17.57 7.40
CA LYS D 157 -37.55 17.77 8.84
C LYS D 157 -36.43 18.72 9.31
N ILE D 158 -35.32 18.82 8.58
CA ILE D 158 -34.27 19.80 8.92
C ILE D 158 -34.59 21.03 8.15
N PHE D 159 -34.85 20.89 6.81
CA PHE D 159 -34.91 22.10 5.99
C PHE D 159 -36.04 23.04 6.29
N SER D 160 -37.17 22.50 6.83
CA SER D 160 -38.26 23.44 7.17
C SER D 160 -37.96 24.45 8.23
N HIS D 161 -36.84 24.26 8.93
CA HIS D 161 -36.39 25.17 9.94
C HIS D 161 -35.39 26.19 9.48
N LEU D 162 -34.96 26.15 8.21
CA LEU D 162 -33.83 27.01 7.77
C LEU D 162 -34.15 28.47 7.93
N GLN D 163 -35.43 28.79 7.70
CA GLN D 163 -35.79 30.21 7.81
C GLN D 163 -35.71 30.84 9.21
N HIS D 164 -35.47 30.03 10.23
CA HIS D 164 -35.24 30.45 11.61
C HIS D 164 -33.82 30.52 12.04
N VAL D 165 -32.88 30.14 11.13
CA VAL D 165 -31.47 30.20 11.43
C VAL D 165 -30.70 30.91 10.28
N LYS D 166 -31.33 31.95 9.74
CA LYS D 166 -30.80 32.57 8.59
C LYS D 166 -29.41 33.15 8.82
N TYR D 167 -29.17 33.72 9.98
CA TYR D 167 -27.90 34.41 10.22
C TYR D 167 -26.98 33.72 11.26
N LYS D 168 -25.69 33.94 11.17
CA LYS D 168 -24.70 33.35 12.07
C LYS D 168 -25.10 33.52 13.51
N GLY D 169 -25.02 32.43 14.26
CA GLY D 169 -25.37 32.52 15.69
C GLY D 169 -26.81 32.18 16.06
N GLN D 170 -27.74 32.24 15.09
CA GLN D 170 -29.18 31.95 15.27
C GLN D 170 -29.37 30.43 15.48
N GLU D 171 -30.37 30.12 16.28
CA GLU D 171 -30.58 28.76 16.78
C GLU D 171 -32.09 28.50 16.70
N ALA D 172 -32.45 27.25 16.43
CA ALA D 172 -33.83 26.81 16.40
C ALA D 172 -33.87 25.41 16.97
N PHE D 173 -35.06 24.95 17.40
CA PHE D 173 -35.17 23.53 17.84
C PHE D 173 -35.89 22.76 16.83
N VAL D 174 -35.39 21.56 16.65
CA VAL D 174 -35.94 20.63 15.72
C VAL D 174 -36.44 19.38 16.49
N PRO D 175 -37.78 19.04 16.35
CA PRO D 175 -38.20 17.79 17.01
C PRO D 175 -37.41 16.57 16.60
N GLY D 176 -37.18 15.60 17.48
CA GLY D 176 -36.48 14.40 17.05
C GLY D 176 -37.15 13.63 15.93
N PHE D 177 -36.30 12.97 15.19
CA PHE D 177 -36.78 12.05 14.13
C PHE D 177 -35.77 10.98 13.93
N ASN D 178 -36.06 9.95 13.12
CA ASN D 178 -35.11 8.89 13.00
C ASN D 178 -34.07 9.34 11.95
N ILE D 179 -32.88 9.59 12.46
CA ILE D 179 -31.77 10.03 11.61
C ILE D 179 -31.39 8.98 10.59
N GLU D 180 -31.70 7.67 10.81
CA GLU D 180 -31.40 6.66 9.81
C GLU D 180 -32.20 6.93 8.53
N GLU D 181 -33.30 7.73 8.63
CA GLU D 181 -34.04 8.08 7.39
C GLU D 181 -33.23 8.99 6.45
N LEU D 182 -32.14 9.58 6.94
CA LEU D 182 -31.23 10.35 6.10
C LEU D 182 -30.22 9.53 5.38
N LEU D 183 -30.02 8.25 5.71
CA LEU D 183 -29.08 7.40 5.09
C LEU D 183 -29.65 6.75 3.81
N PRO D 184 -28.79 6.40 2.90
CA PRO D 184 -29.22 5.74 1.60
C PRO D 184 -29.50 4.26 1.73
N GLU D 185 -29.96 3.72 0.58
N GLU D 185 -29.93 3.71 0.58
CA GLU D 185 -30.06 2.30 0.40
CA GLU D 185 -30.08 2.29 0.50
C GLU D 185 -28.74 1.59 0.59
C GLU D 185 -28.75 1.59 0.59
N ARG D 186 -28.79 0.35 1.11
CA ARG D 186 -27.64 -0.55 1.09
C ARG D 186 -26.44 0.07 1.76
N THR D 187 -26.67 0.51 3.01
CA THR D 187 -25.56 1.08 3.76
C THR D 187 -24.38 0.13 4.01
N ALA D 188 -24.54 -1.18 3.80
CA ALA D 188 -23.43 -2.06 3.90
C ALA D 188 -22.34 -1.81 2.81
N GLU D 189 -22.76 -1.11 1.76
CA GLU D 189 -21.85 -0.79 0.62
C GLU D 189 -21.33 0.68 0.79
N TYR D 190 -20.01 0.72 0.98
CA TYR D 190 -19.38 2.04 1.32
C TYR D 190 -17.96 2.05 0.99
N TYR D 191 -17.44 3.29 0.89
CA TYR D 191 -16.05 3.58 0.74
C TYR D 191 -15.47 3.98 2.13
N ARG D 192 -14.24 3.56 2.42
CA ARG D 192 -13.62 3.87 3.72
C ARG D 192 -12.19 4.35 3.49
N TYR D 193 -11.87 5.47 4.11
CA TYR D 193 -10.46 5.89 4.02
C TYR D 193 -10.12 6.77 5.23
N ARG D 194 -8.84 7.00 5.33
CA ARG D 194 -8.26 7.87 6.47
C ARG D 194 -8.07 9.25 5.95
N GLY D 195 -8.70 10.19 6.62
CA GLY D 195 -8.55 11.59 6.17
C GLY D 195 -8.67 12.55 7.30
N SER D 196 -9.29 13.65 6.97
CA SER D 196 -9.19 14.84 7.85
C SER D 196 -10.55 15.54 7.95
N LEU D 197 -10.67 16.48 8.86
CA LEU D 197 -11.79 17.47 8.76
C LEU D 197 -11.69 18.19 7.41
N THR D 198 -12.83 18.44 6.78
CA THR D 198 -12.76 19.23 5.55
C THR D 198 -12.85 20.70 5.73
N THR D 199 -12.92 21.09 6.99
CA THR D 199 -12.89 22.52 7.37
C THR D 199 -11.72 22.74 8.30
N PRO D 200 -11.29 24.00 8.42
CA PRO D 200 -10.29 24.29 9.46
C PRO D 200 -10.75 23.79 10.84
N PRO D 201 -9.85 23.24 11.65
CA PRO D 201 -8.44 23.20 11.40
C PRO D 201 -7.89 22.05 10.60
N CYS D 202 -8.78 21.26 9.97
CA CYS D 202 -8.33 20.27 9.00
C CYS D 202 -7.52 19.11 9.62
N ASN D 203 -7.79 18.82 10.86
CA ASN D 203 -6.93 17.84 11.53
C ASN D 203 -7.08 16.51 10.85
N PRO D 204 -5.99 15.77 10.68
CA PRO D 204 -6.05 14.44 10.01
C PRO D 204 -6.47 13.29 10.96
N THR D 205 -7.67 13.41 11.50
CA THR D 205 -8.12 12.60 12.61
C THR D 205 -9.43 11.90 12.31
N VAL D 206 -9.81 11.86 11.05
CA VAL D 206 -11.14 11.39 10.68
C VAL D 206 -11.07 10.06 9.91
N LEU D 207 -11.85 9.08 10.39
CA LEU D 207 -12.08 7.83 9.63
C LEU D 207 -13.37 8.12 8.88
N TRP D 208 -13.22 8.16 7.57
CA TRP D 208 -14.35 8.46 6.69
C TRP D 208 -15.05 7.23 6.18
N THR D 209 -16.38 7.29 6.18
CA THR D 209 -17.22 6.25 5.57
C THR D 209 -18.12 7.07 4.61
N VAL D 210 -18.02 6.87 3.29
CA VAL D 210 -18.89 7.49 2.30
C VAL D 210 -19.78 6.37 1.77
N PHE D 211 -21.09 6.49 1.91
CA PHE D 211 -21.92 5.44 1.41
C PHE D 211 -21.86 5.44 -0.12
N ARG D 212 -21.94 4.22 -0.70
CA ARG D 212 -21.89 4.08 -2.16
C ARG D 212 -23.06 4.74 -2.83
N ASN D 213 -24.23 4.58 -2.29
CA ASN D 213 -25.45 5.11 -2.94
C ASN D 213 -25.84 6.51 -2.43
N PRO D 214 -26.24 7.39 -3.30
CA PRO D 214 -26.76 8.66 -2.86
C PRO D 214 -28.18 8.64 -2.39
N VAL D 215 -28.62 9.68 -1.69
CA VAL D 215 -30.07 9.94 -1.56
C VAL D 215 -30.46 11.08 -2.50
N GLN D 216 -31.73 11.36 -2.58
CA GLN D 216 -32.24 12.42 -3.41
C GLN D 216 -32.97 13.45 -2.53
N ILE D 217 -32.84 14.71 -2.87
CA ILE D 217 -33.74 15.78 -2.41
C ILE D 217 -34.13 16.61 -3.63
N SER D 218 -35.23 17.31 -3.55
CA SER D 218 -35.69 18.02 -4.78
C SER D 218 -34.96 19.27 -5.11
N GLN D 219 -35.16 19.74 -6.34
N GLN D 219 -35.10 19.71 -6.35
CA GLN D 219 -34.68 21.04 -6.76
CA GLN D 219 -34.52 20.98 -6.70
C GLN D 219 -35.07 22.11 -5.76
C GLN D 219 -35.08 22.16 -5.86
N GLU D 220 -36.32 22.06 -5.39
CA GLU D 220 -36.85 23.12 -4.54
C GLU D 220 -36.19 23.05 -3.14
N GLN D 221 -35.92 21.83 -2.59
CA GLN D 221 -35.22 21.74 -1.34
C GLN D 221 -33.84 22.22 -1.48
N LEU D 222 -33.13 21.90 -2.60
CA LEU D 222 -31.78 22.41 -2.79
C LEU D 222 -31.78 23.92 -2.88
N LEU D 223 -32.76 24.49 -3.58
CA LEU D 223 -32.75 25.94 -3.79
C LEU D 223 -33.01 26.61 -2.41
N ALA D 224 -33.87 26.04 -1.62
CA ALA D 224 -34.12 26.65 -0.24
C ALA D 224 -32.81 26.57 0.54
N LEU D 225 -32.14 25.44 0.52
CA LEU D 225 -30.84 25.30 1.24
C LEU D 225 -29.83 26.32 0.77
N GLU D 226 -29.76 26.50 -0.57
CA GLU D 226 -28.75 27.37 -1.18
C GLU D 226 -29.08 28.87 -1.00
N THR D 227 -30.30 29.24 -0.65
CA THR D 227 -30.68 30.64 -0.58
C THR D 227 -31.08 31.06 0.81
N ALA D 228 -31.20 30.15 1.75
CA ALA D 228 -31.76 30.51 3.05
C ALA D 228 -30.80 31.22 3.93
N LEU D 229 -29.52 30.92 3.86
CA LEU D 229 -28.61 31.23 4.96
C LEU D 229 -27.56 32.23 4.55
N TYR D 230 -27.14 32.95 5.61
CA TYR D 230 -25.97 33.83 5.51
C TYR D 230 -24.85 33.36 6.44
N CYS D 231 -23.61 33.59 6.02
CA CYS D 231 -22.48 33.36 6.87
C CYS D 231 -22.22 34.38 8.01
N THR D 232 -22.89 35.50 7.82
CA THR D 232 -22.67 36.71 8.69
C THR D 232 -23.80 36.88 9.68
N HIS D 233 -23.44 37.57 10.76
CA HIS D 233 -24.43 38.02 11.69
C HIS D 233 -25.43 38.95 11.09
N MET D 234 -26.61 38.97 11.70
CA MET D 234 -27.73 39.78 11.21
C MET D 234 -27.34 41.24 11.04
N ASP D 235 -26.47 41.72 11.93
CA ASP D 235 -26.15 43.15 11.88
C ASP D 235 -24.87 43.48 11.11
N ASP D 236 -24.26 42.54 10.37
CA ASP D 236 -23.09 42.80 9.63
C ASP D 236 -23.46 43.74 8.47
N PRO D 237 -22.71 44.85 8.31
CA PRO D 237 -22.93 45.75 7.17
C PRO D 237 -22.48 45.15 5.84
N SER D 238 -21.78 44.01 5.87
CA SER D 238 -21.24 43.39 4.67
C SER D 238 -21.74 41.91 4.62
N PRO D 239 -23.05 41.72 4.38
CA PRO D 239 -23.60 40.32 4.36
C PRO D 239 -22.95 39.43 3.33
N ARG D 240 -22.79 38.15 3.70
CA ARG D 240 -22.22 37.17 2.75
C ARG D 240 -23.15 35.93 2.72
N GLU D 241 -23.63 35.56 1.54
CA GLU D 241 -24.48 34.38 1.38
C GLU D 241 -23.72 33.11 1.70
N MET D 242 -24.44 32.14 2.34
CA MET D 242 -23.75 30.87 2.69
C MET D 242 -23.99 29.91 1.49
N ILE D 243 -23.08 29.96 0.53
CA ILE D 243 -23.14 29.23 -0.73
C ILE D 243 -21.74 28.65 -0.93
N ASN D 244 -21.74 27.58 -1.77
CA ASN D 244 -20.47 27.01 -2.18
C ASN D 244 -19.53 26.67 -1.04
N ASN D 245 -20.10 26.10 0.04
CA ASN D 245 -19.35 25.80 1.23
C ASN D 245 -18.83 24.36 1.23
N PHE D 246 -18.08 24.03 0.19
CA PHE D 246 -17.42 22.75 0.03
C PHE D 246 -15.99 23.03 -0.28
N ARG D 247 -15.12 22.16 0.15
CA ARG D 247 -13.69 22.22 -0.18
C ARG D 247 -13.45 21.45 -1.49
N GLN D 248 -12.48 21.92 -2.28
CA GLN D 248 -11.98 21.11 -3.42
C GLN D 248 -11.39 19.78 -2.98
N VAL D 249 -11.40 18.82 -3.89
CA VAL D 249 -10.75 17.53 -3.55
C VAL D 249 -9.22 17.66 -3.45
N GLN D 250 -8.66 16.81 -2.66
CA GLN D 250 -7.21 16.84 -2.25
C GLN D 250 -6.36 15.76 -2.87
N LYS D 251 -5.07 16.00 -2.83
CA LYS D 251 -4.13 14.92 -3.27
C LYS D 251 -4.29 13.66 -2.38
N PHE D 252 -4.13 12.54 -3.02
CA PHE D 252 -4.19 11.29 -2.27
C PHE D 252 -3.08 11.03 -1.28
N ASP D 253 -1.83 11.56 -1.47
CA ASP D 253 -0.76 11.29 -0.43
C ASP D 253 -0.55 9.76 -0.19
N GLU D 254 -0.62 9.03 -1.32
CA GLU D 254 -0.40 7.55 -1.37
C GLU D 254 -1.52 6.69 -0.75
N ARG D 255 -2.61 7.29 -0.29
CA ARG D 255 -3.75 6.52 0.26
C ARG D 255 -4.46 5.74 -0.85
N LEU D 256 -4.99 4.55 -0.48
CA LEU D 256 -6.06 3.95 -1.19
C LEU D 256 -7.37 4.17 -0.43
N VAL D 257 -8.43 4.00 -1.15
CA VAL D 257 -9.82 4.02 -0.62
C VAL D 257 -10.32 2.60 -0.68
N TYR D 258 -10.70 2.07 0.46
CA TYR D 258 -11.15 0.67 0.61
C TYR D 258 -12.63 0.55 0.50
N THR D 259 -13.12 -0.47 -0.22
CA THR D 259 -14.52 -0.54 -0.44
C THR D 259 -15.05 -1.86 0.16
N SER D 260 -16.29 -1.82 0.55
CA SER D 260 -16.99 -3.05 1.08
C SER D 260 -17.69 -3.83 -0.06
N PHE D 261 -17.46 -3.41 -1.30
CA PHE D 261 -18.19 -3.96 -2.47
C PHE D 261 -17.15 -4.03 -3.55
N SER D 262 -17.41 -4.90 -4.54
CA SER D 262 -16.57 -4.92 -5.75
C SER D 262 -17.46 -4.43 -6.89
N GLN D 263 -18.62 -5.08 -6.91
CA GLN D 263 -19.97 -4.59 -7.29
C GLN D 263 -20.21 -3.75 -8.55
ZN ZN E . 21.19 -15.57 -3.51
CL1 6YQ F . 21.25 -9.53 -4.27
C6 6YQ F . 22.48 -10.32 -3.35
C1 6YQ F . 22.29 -11.63 -2.79
S7 6YQ F . 20.80 -12.58 -3.14
O9 6YQ F . 19.66 -11.87 -2.58
N10 6YQ F . 21.02 -13.97 -2.46
O8 6YQ F . 20.81 -12.81 -4.65
C5 6YQ F . 23.74 -9.66 -3.11
C4 6YQ F . 24.70 -10.26 -2.39
C3 6YQ F . 24.56 -11.53 -1.81
C2 6YQ F . 23.35 -12.26 -2.03
C11 6YQ F . 25.91 -9.41 -2.18
O12 6YQ F . 25.97 -8.38 -2.85
C13 6YQ F . 26.82 -9.78 -1.06
N14 6YQ F . 27.77 -8.72 -0.75
C18 6YQ F . 27.57 -7.51 -0.15
C20 6YQ F . 26.42 -6.91 0.43
C21 6YQ F . 26.53 -5.63 1.00
C22 6YQ F . 27.77 -4.95 1.01
C23 6YQ F . 28.90 -5.55 0.42
C19 6YQ F . 28.78 -6.84 -0.15
N17 6YQ F . 29.75 -7.59 -0.76
C16 6YQ F . 29.10 -8.75 -1.12
C1 EDO G . 25.96 -15.42 -0.34
O1 EDO G . 27.13 -14.94 0.33
C2 EDO G . 25.84 -14.68 -1.67
O2 EDO G . 26.96 -14.00 -2.17
C1 EDO H . 30.95 -12.08 -0.14
O1 EDO H . 32.01 -12.95 -0.49
C2 EDO H . 30.16 -12.09 -1.43
O2 EDO H . 28.80 -12.43 -1.40
C1 EDO I . 30.03 -32.36 -10.90
O1 EDO I . 28.73 -32.36 -11.48
C2 EDO I . 31.06 -33.07 -11.80
O2 EDO I . 31.37 -32.29 -12.96
C1 EDO J . 11.46 -5.19 -18.04
O1 EDO J . 11.31 -6.06 -16.88
C2 EDO J . 10.48 -4.03 -18.02
O2 EDO J . 10.25 -3.55 -16.69
ZN ZN K . -0.10 -21.32 19.73
CL1 6YQ L . 3.12 -24.16 23.96
C6 6YQ L . 2.77 -22.47 24.13
C1 6YQ L . 2.40 -21.61 23.08
S7 6YQ L . 2.19 -22.30 21.41
O9 6YQ L . 3.47 -22.84 21.02
N10 6YQ L . 1.60 -21.12 20.46
O8 6YQ L . 1.11 -23.25 21.60
C5 6YQ L . 2.91 -21.94 25.39
C4 6YQ L . 2.66 -20.62 25.69
C3 6YQ L . 2.27 -19.73 24.68
C2 6YQ L . 2.13 -20.26 23.35
C11 6YQ L . 2.90 -20.19 27.12
O12 6YQ L . 3.39 -21.05 27.95
C13 6YQ L . 2.70 -18.76 27.48
N14 6YQ L . 3.25 -18.61 28.84
C18 6YQ L . 4.51 -18.25 29.23
C20 6YQ L . 5.60 -17.83 28.48
C21 6YQ L . 6.77 -17.47 29.20
C22 6YQ L . 6.81 -17.50 30.63
C23 6YQ L . 5.68 -17.91 31.37
C19 6YQ L . 4.56 -18.26 30.62
N17 6YQ L . 3.36 -18.70 31.10
C16 6YQ L . 2.58 -18.92 30.00
S SO4 M . -0.14 -16.18 27.94
O1 SO4 M . 1.02 -15.31 28.38
O2 SO4 M . -1.33 -15.27 28.00
O3 SO4 M . 0.10 -16.85 26.62
O4 SO4 M . -0.42 -17.32 28.90
C1 EDO N . -0.33 -18.19 23.48
O1 EDO N . -1.19 -17.84 24.48
C2 EDO N . -0.47 -17.37 22.21
O2 EDO N . -0.22 -16.01 22.48
C1 EDO O . 1.47 -41.58 22.57
O1 EDO O . 1.61 -40.43 21.68
C2 EDO O . 2.78 -42.35 22.52
O2 EDO O . 3.87 -41.49 22.50
ZN ZN P . 2.70 23.98 -16.29
CL1 6YQ Q . 2.74 30.00 -17.14
C6 6YQ Q . 3.99 29.26 -16.20
C1 6YQ Q . 3.83 27.95 -15.69
S7 6YQ Q . 2.33 26.97 -15.99
O9 6YQ Q . 1.13 27.66 -15.48
N10 6YQ Q . 2.45 25.52 -15.22
O8 6YQ Q . 2.29 26.72 -17.41
C5 6YQ Q . 5.17 29.96 -16.03
C4 6YQ Q . 6.19 29.38 -15.30
C3 6YQ Q . 6.06 28.11 -14.77
C2 6YQ Q . 4.88 27.37 -14.97
C11 6YQ Q . 7.43 30.14 -15.08
O12 6YQ Q . 7.50 31.20 -15.71
C13 6YQ Q . 8.41 29.73 -14.03
N14 6YQ Q . 9.30 30.86 -13.72
C18 6YQ Q . 9.08 32.00 -13.05
C20 6YQ Q . 7.97 32.49 -12.35
C21 6YQ Q . 8.14 33.77 -11.71
C22 6YQ Q . 9.32 34.52 -11.79
C23 6YQ Q . 10.40 34.01 -12.51
C19 6YQ Q . 10.24 32.76 -13.10
N17 6YQ Q . 11.16 32.12 -13.85
C16 6YQ Q . 10.57 30.96 -14.21
S SO4 R . 11.83 27.50 -13.57
O1 SO4 R . 11.80 28.27 -12.30
O2 SO4 R . 10.43 27.06 -13.88
O3 SO4 R . 12.27 28.36 -14.68
O4 SO4 R . 12.85 26.40 -13.40
C1 EDO S . -7.93 35.33 -30.80
O1 EDO S . -7.96 35.87 -29.48
C2 EDO S . -6.79 34.32 -30.99
O2 EDO S . -6.92 33.30 -29.99
C1 EDO T . 7.43 24.07 -12.89
O1 EDO T . 8.57 24.65 -12.17
C2 EDO T . 7.39 24.48 -14.37
O2 EDO T . 8.49 25.28 -14.90
ZN ZN U . -18.63 18.48 6.72
CL1 6YQ V . -15.33 15.73 10.96
C6 6YQ V . -15.75 17.38 11.21
C1 6YQ V . -16.12 18.23 10.12
S7 6YQ V . -16.34 17.54 8.44
O9 6YQ V . -15.06 17.03 8.02
N10 6YQ V . -16.85 18.74 7.44
O8 6YQ V . -17.46 16.56 8.60
C5 6YQ V . -15.66 17.88 12.44
C4 6YQ V . -15.86 19.18 12.74
C3 6YQ V . -16.27 20.06 11.72
C2 6YQ V . -16.40 19.59 10.40
C11 6YQ V . -15.64 19.62 14.16
O12 6YQ V . -15.17 18.79 14.98
C13 6YQ V . -15.83 21.06 14.45
N14 6YQ V . -15.28 21.28 15.83
C18 6YQ V . -14.07 21.75 16.20
C20 6YQ V . -12.98 22.16 15.44
C21 6YQ V . -11.84 22.70 16.13
C22 6YQ V . -11.81 22.73 17.55
C23 6YQ V . -12.92 22.25 18.25
C19 6YQ V . -14.02 21.75 17.57
N17 6YQ V . -15.18 21.26 18.10
C16 6YQ V . -15.94 20.96 17.00
S SO4 W . -18.64 23.71 14.84
O1 SO4 W . -17.39 24.53 15.06
O2 SO4 W . -19.86 24.62 14.90
O3 SO4 W . -18.52 22.96 13.53
O4 SO4 W . -18.80 22.76 15.98
C1 EDO X . -19.21 22.00 9.98
O1 EDO X . -19.69 22.04 11.31
C2 EDO X . -18.89 23.29 9.18
O2 EDO X . -18.58 24.30 10.05
C1 EDO Y . -16.71 -1.63 9.82
O1 EDO Y . -16.68 -0.56 8.89
C2 EDO Y . -15.32 -2.26 9.71
O2 EDO Y . -14.23 -1.37 9.90
C1 EDO Z . -33.26 5.78 4.51
O1 EDO Z . -32.89 4.83 5.54
C2 EDO Z . -34.72 5.84 4.02
O2 EDO Z . -35.18 7.23 4.14
#